data_1ZEY
# 
_entry.id   1ZEY 
# 
_audit_conform.dict_name       mmcif_pdbx.dic 
_audit_conform.dict_version    5.389 
_audit_conform.dict_location   http://mmcif.pdb.org/dictionaries/ascii/mmcif_pdbx.dic 
# 
loop_
_database_2.database_id 
_database_2.database_code 
_database_2.pdbx_database_accession 
_database_2.pdbx_DOI 
PDB   1ZEY         pdb_00001zey 10.2210/pdb1zey/pdb 
NDB   AD0047       ?            ?                   
RCSB  RCSB032641   ?            ?                   
WWPDB D_1000032641 ?            ?                   
# 
loop_
_pdbx_audit_revision_history.ordinal 
_pdbx_audit_revision_history.data_content_type 
_pdbx_audit_revision_history.major_revision 
_pdbx_audit_revision_history.minor_revision 
_pdbx_audit_revision_history.revision_date 
1 'Structure model' 1 0 2005-05-10 
2 'Structure model' 1 1 2008-04-30 
3 'Structure model' 1 2 2011-07-13 
4 'Structure model' 1 3 2017-10-11 
5 'Structure model' 1 4 2024-02-14 
6 'Structure model' 1 5 2024-04-03 
# 
_pdbx_audit_revision_details.ordinal             1 
_pdbx_audit_revision_details.revision_ordinal    1 
_pdbx_audit_revision_details.data_content_type   'Structure model' 
_pdbx_audit_revision_details.provider            repository 
_pdbx_audit_revision_details.type                'Initial release' 
_pdbx_audit_revision_details.description         ? 
_pdbx_audit_revision_details.details             ? 
# 
loop_
_pdbx_audit_revision_group.ordinal 
_pdbx_audit_revision_group.revision_ordinal 
_pdbx_audit_revision_group.data_content_type 
_pdbx_audit_revision_group.group 
1 2 'Structure model' 'Version format compliance' 
2 3 'Structure model' 'Version format compliance' 
3 4 'Structure model' 'Refinement description'    
4 5 'Structure model' 'Data collection'           
5 5 'Structure model' 'Database references'       
6 5 'Structure model' 'Derived calculations'      
7 6 'Structure model' 'Refinement description'    
# 
loop_
_pdbx_audit_revision_category.ordinal 
_pdbx_audit_revision_category.revision_ordinal 
_pdbx_audit_revision_category.data_content_type 
_pdbx_audit_revision_category.category 
1 4 'Structure model' software                      
2 5 'Structure model' chem_comp_atom                
3 5 'Structure model' chem_comp_bond                
4 5 'Structure model' database_2                    
5 5 'Structure model' pdbx_struct_conn_angle        
6 5 'Structure model' struct_conn                   
7 5 'Structure model' struct_site                   
8 6 'Structure model' pdbx_initial_refinement_model 
# 
loop_
_pdbx_audit_revision_item.ordinal 
_pdbx_audit_revision_item.revision_ordinal 
_pdbx_audit_revision_item.data_content_type 
_pdbx_audit_revision_item.item 
1  5 'Structure model' '_database_2.pdbx_DOI'                      
2  5 'Structure model' '_database_2.pdbx_database_accession'       
3  5 'Structure model' '_pdbx_struct_conn_angle.ptnr1_auth_seq_id' 
4  5 'Structure model' '_pdbx_struct_conn_angle.ptnr3_auth_seq_id' 
5  5 'Structure model' '_struct_conn.pdbx_dist_value'              
6  5 'Structure model' '_struct_conn.ptnr1_auth_asym_id'           
7  5 'Structure model' '_struct_conn.ptnr1_auth_seq_id'            
8  5 'Structure model' '_struct_conn.ptnr1_label_asym_id'          
9  5 'Structure model' '_struct_conn.ptnr2_auth_seq_id'            
10 5 'Structure model' '_struct_conn.ptnr2_symmetry'               
11 5 'Structure model' '_struct_site.pdbx_auth_asym_id'            
12 5 'Structure model' '_struct_site.pdbx_auth_comp_id'            
13 5 'Structure model' '_struct_site.pdbx_auth_seq_id'             
# 
_pdbx_database_status.entry_id                        1ZEY 
_pdbx_database_status.deposit_site                    RCSB 
_pdbx_database_status.process_site                    RCSB 
_pdbx_database_status.recvd_initial_deposition_date   2005-04-19 
_pdbx_database_status.status_code                     REL 
_pdbx_database_status.status_code_sf                  REL 
_pdbx_database_status.status_code_mr                  ? 
_pdbx_database_status.SG_entry                        ? 
_pdbx_database_status.pdb_format_compatible           Y 
_pdbx_database_status.status_code_cs                  ? 
_pdbx_database_status.methods_development_category    ? 
_pdbx_database_status.status_code_nmr_data            ? 
# 
loop_
_pdbx_database_related.db_name 
_pdbx_database_related.db_id 
_pdbx_database_related.details 
_pdbx_database_related.content_type 
PDB 1P4Y . unspecified 
PDB 1P4Z . unspecified 
PDB 1DCW . unspecified 
PDB 1DCV . unspecified 
PDB 1ZEW . unspecified 
PDB 1ZEX . unspecified 
PDB 1ZEZ . unspecified 
PDB 1ZF0 . unspecified 
PDB 1ZF1 . unspecified 
PDB 1ZF2 . unspecified 
PDB 1ZF3 . unspecified 
PDB 1ZF4 . unspecified 
PDB 1ZF5 . unspecified 
PDB 1ZF6 . unspecified 
PDB 1ZF7 . unspecified 
PDB 1ZF8 . unspecified 
PDB 1ZF9 . unspecified 
PDB 1ZFA . unspecified 
PDB 1ZFB . unspecified 
PDB 1ZFC . unspecified 
PDB 1ZFE . unspecified 
PDB 1ZFF . unspecified 
PDB 1ZFG . unspecified 
PDB 1ZFH . unspecified 
PDB 1ZFM . unspecified 
# 
loop_
_audit_author.name 
_audit_author.pdbx_ordinal 
'Hays, F.A.'      1 
'Teegarden, A.T.' 2 
'Jones, Z.J.R.'   3 
'Harms, M.'       4 
'Raup, D.'        5 
'Watson, J.'      6 
'Cavaliere, E.'   7 
'Ho, P.S.'        8 
# 
_citation.id                        primary 
_citation.title                     'How sequence defines structure: a crystallographic map of DNA structure and conformation.' 
_citation.journal_abbrev            Proc.Natl.Acad.Sci.Usa 
_citation.journal_volume            102 
_citation.page_first                7157 
_citation.page_last                 7162 
_citation.year                      2005 
_citation.journal_id_ASTM           PNASA6 
_citation.country                   US 
_citation.journal_id_ISSN           0027-8424 
_citation.journal_id_CSD            0040 
_citation.book_publisher            ? 
_citation.pdbx_database_id_PubMed   15870206 
_citation.pdbx_database_id_DOI      10.1073/pnas.0409455102 
# 
loop_
_citation_author.citation_id 
_citation_author.name 
_citation_author.ordinal 
_citation_author.identifier_ORCID 
primary 'Hays, F.A.'    1 ? 
primary 'Teegarden, A.' 2 ? 
primary 'Jones, Z.J.'   3 ? 
primary 'Harms, M.'     4 ? 
primary 'Raup, D.'      5 ? 
primary 'Watson, J.'    6 ? 
primary 'Cavaliere, E.' 7 ? 
primary 'Ho, P.S.'      8 ? 
# 
loop_
_entity.id 
_entity.type 
_entity.src_method 
_entity.pdbx_description 
_entity.formula_weight 
_entity.pdbx_number_of_molecules 
_entity.pdbx_ec 
_entity.pdbx_mutation 
_entity.pdbx_fragment 
_entity.details 
1 polymer     syn "5'-D(*CP*CP*CP*CP*GP*CP*GP*GP*GP*G)-3'" 3046.980 2  ? ? ? ? 
2 non-polymer syn 'SODIUM ION'                             22.990   2  ? ? ? ? 
3 water       nat water                                    18.015   93 ? ? ? ? 
# 
_entity_poly.entity_id                      1 
_entity_poly.type                           polydeoxyribonucleotide 
_entity_poly.nstd_linkage                   no 
_entity_poly.nstd_monomer                   no 
_entity_poly.pdbx_seq_one_letter_code       '(DC)(DC)(DC)(DC)(DG)(DC)(DG)(DG)(DG)(DG)' 
_entity_poly.pdbx_seq_one_letter_code_can   CCCCGCGGGG 
_entity_poly.pdbx_strand_id                 A,B 
_entity_poly.pdbx_target_identifier         ? 
# 
loop_
_pdbx_entity_nonpoly.entity_id 
_pdbx_entity_nonpoly.name 
_pdbx_entity_nonpoly.comp_id 
2 'SODIUM ION' NA  
3 water        HOH 
# 
loop_
_entity_poly_seq.entity_id 
_entity_poly_seq.num 
_entity_poly_seq.mon_id 
_entity_poly_seq.hetero 
1 1  DC n 
1 2  DC n 
1 3  DC n 
1 4  DC n 
1 5  DG n 
1 6  DC n 
1 7  DG n 
1 8  DG n 
1 9  DG n 
1 10 DG n 
# 
_pdbx_entity_src_syn.entity_id              1 
_pdbx_entity_src_syn.pdbx_src_id            1 
_pdbx_entity_src_syn.pdbx_alt_source_flag   sample 
_pdbx_entity_src_syn.pdbx_beg_seq_num       ? 
_pdbx_entity_src_syn.pdbx_end_seq_num       ? 
_pdbx_entity_src_syn.organism_scientific    ? 
_pdbx_entity_src_syn.organism_common_name   ? 
_pdbx_entity_src_syn.ncbi_taxonomy_id       ? 
_pdbx_entity_src_syn.details                
;BIOSYSTEMS DNA SYNTHESIZER USING PHOSPHORAMIDITE CHEMISTRY, WITH THE TRITYL-PROTECTING GROUP LEFT INTACT AT THE 5'- TERMINAL NUCLEOTIDE THEN DEPROTECTED BY TREATMENT WITH 3% ACETIC ACID FOR FIFTEEN MINUTES, NEUTRALIZED WITH AMMONIUM HYDROXIDE, AND DESALTED ON A SIGMA G-25 SEPHADEX COLUMN.
;
# 
loop_
_chem_comp.id 
_chem_comp.type 
_chem_comp.mon_nstd_flag 
_chem_comp.name 
_chem_comp.pdbx_synonyms 
_chem_comp.formula 
_chem_comp.formula_weight 
DC  'DNA linking' y "2'-DEOXYCYTIDINE-5'-MONOPHOSPHATE"  ? 'C9 H14 N3 O7 P'  307.197 
DG  'DNA linking' y "2'-DEOXYGUANOSINE-5'-MONOPHOSPHATE" ? 'C10 H14 N5 O7 P' 347.221 
HOH non-polymer   . WATER                                ? 'H2 O'            18.015  
NA  non-polymer   . 'SODIUM ION'                         ? 'Na 1'            22.990  
# 
loop_
_pdbx_poly_seq_scheme.asym_id 
_pdbx_poly_seq_scheme.entity_id 
_pdbx_poly_seq_scheme.seq_id 
_pdbx_poly_seq_scheme.mon_id 
_pdbx_poly_seq_scheme.ndb_seq_num 
_pdbx_poly_seq_scheme.pdb_seq_num 
_pdbx_poly_seq_scheme.auth_seq_num 
_pdbx_poly_seq_scheme.pdb_mon_id 
_pdbx_poly_seq_scheme.auth_mon_id 
_pdbx_poly_seq_scheme.pdb_strand_id 
_pdbx_poly_seq_scheme.pdb_ins_code 
_pdbx_poly_seq_scheme.hetero 
A 1 1  DC 1  1  1  DC C A . n 
A 1 2  DC 2  2  2  DC C A . n 
A 1 3  DC 3  3  3  DC C A . n 
A 1 4  DC 4  4  4  DC C A . n 
A 1 5  DG 5  5  5  DG G A . n 
A 1 6  DC 6  6  6  DC C A . n 
A 1 7  DG 7  7  7  DG G A . n 
A 1 8  DG 8  8  8  DG G A . n 
A 1 9  DG 9  9  9  DG G A . n 
A 1 10 DG 10 10 10 DG G A . n 
B 1 1  DC 1  11 11 DC C B . n 
B 1 2  DC 2  12 12 DC C B . n 
B 1 3  DC 3  13 13 DC C B . n 
B 1 4  DC 4  14 14 DC C B . n 
B 1 5  DG 5  15 15 DG G B . n 
B 1 6  DC 6  16 16 DC C B . n 
B 1 7  DG 7  17 17 DG G B . n 
B 1 8  DG 8  18 18 DG G B . n 
B 1 9  DG 9  19 19 DG G B . n 
B 1 10 DG 10 20 20 DG G B . n 
# 
loop_
_pdbx_nonpoly_scheme.asym_id 
_pdbx_nonpoly_scheme.entity_id 
_pdbx_nonpoly_scheme.mon_id 
_pdbx_nonpoly_scheme.ndb_seq_num 
_pdbx_nonpoly_scheme.pdb_seq_num 
_pdbx_nonpoly_scheme.auth_seq_num 
_pdbx_nonpoly_scheme.pdb_mon_id 
_pdbx_nonpoly_scheme.auth_mon_id 
_pdbx_nonpoly_scheme.pdb_strand_id 
_pdbx_nonpoly_scheme.pdb_ins_code 
C 2 NA  1  40  40  NA  NA  A . 
D 2 NA  1  21  21  NA  NA  B . 
E 3 HOH 1  22  22  HOH HOH A . 
E 3 HOH 2  24  24  HOH HOH A . 
E 3 HOH 3  27  27  HOH HOH A . 
E 3 HOH 4  30  30  HOH HOH A . 
E 3 HOH 5  31  31  HOH HOH A . 
E 3 HOH 6  32  32  HOH HOH A . 
E 3 HOH 7  33  33  HOH HOH A . 
E 3 HOH 8  34  34  HOH HOH A . 
E 3 HOH 9  37  37  HOH HOH A . 
E 3 HOH 10 38  38  HOH HOH A . 
E 3 HOH 11 39  39  HOH HOH A . 
E 3 HOH 12 42  42  HOH HOH A . 
E 3 HOH 13 43  43  HOH HOH A . 
E 3 HOH 14 45  45  HOH HOH A . 
E 3 HOH 15 53  53  HOH HOH A . 
E 3 HOH 16 54  54  HOH HOH A . 
E 3 HOH 17 56  56  HOH HOH A . 
E 3 HOH 18 57  57  HOH HOH A . 
E 3 HOH 19 58  58  HOH HOH A . 
E 3 HOH 20 65  65  HOH HOH A . 
E 3 HOH 21 66  66  HOH HOH A . 
E 3 HOH 22 68  68  HOH HOH A . 
E 3 HOH 23 71  71  HOH HOH A . 
E 3 HOH 24 74  74  HOH HOH A . 
E 3 HOH 25 76  76  HOH HOH A . 
E 3 HOH 26 77  77  HOH HOH A . 
E 3 HOH 27 78  78  HOH HOH A . 
E 3 HOH 28 81  81  HOH HOH A . 
E 3 HOH 29 83  83  HOH HOH A . 
E 3 HOH 30 86  86  HOH HOH A . 
E 3 HOH 31 87  87  HOH HOH A . 
E 3 HOH 32 88  88  HOH HOH A . 
E 3 HOH 33 91  91  HOH HOH A . 
E 3 HOH 34 92  92  HOH HOH A . 
E 3 HOH 35 94  94  HOH HOH A . 
E 3 HOH 36 95  95  HOH HOH A . 
E 3 HOH 37 97  97  HOH HOH A . 
E 3 HOH 38 100 100 HOH HOH A . 
E 3 HOH 39 101 101 HOH HOH A . 
E 3 HOH 40 102 102 HOH HOH A . 
E 3 HOH 41 106 106 HOH HOH A . 
E 3 HOH 42 108 108 HOH HOH A . 
E 3 HOH 43 109 109 HOH HOH A . 
E 3 HOH 44 110 110 HOH HOH A . 
E 3 HOH 45 112 112 HOH HOH A . 
E 3 HOH 46 113 113 HOH HOH A . 
E 3 HOH 47 114 114 HOH HOH A . 
F 3 HOH 1  23  23  HOH HOH B . 
F 3 HOH 2  25  25  HOH HOH B . 
F 3 HOH 3  26  26  HOH HOH B . 
F 3 HOH 4  28  28  HOH HOH B . 
F 3 HOH 5  29  29  HOH HOH B . 
F 3 HOH 6  35  35  HOH HOH B . 
F 3 HOH 7  36  36  HOH HOH B . 
F 3 HOH 8  41  41  HOH HOH B . 
F 3 HOH 9  44  44  HOH HOH B . 
F 3 HOH 10 46  46  HOH HOH B . 
F 3 HOH 11 47  47  HOH HOH B . 
F 3 HOH 12 48  48  HOH HOH B . 
F 3 HOH 13 49  49  HOH HOH B . 
F 3 HOH 14 50  50  HOH HOH B . 
F 3 HOH 15 51  51  HOH HOH B . 
F 3 HOH 16 52  52  HOH HOH B . 
F 3 HOH 17 55  55  HOH HOH B . 
F 3 HOH 18 59  59  HOH HOH B . 
F 3 HOH 19 60  60  HOH HOH B . 
F 3 HOH 20 61  61  HOH HOH B . 
F 3 HOH 21 62  62  HOH HOH B . 
F 3 HOH 22 63  63  HOH HOH B . 
F 3 HOH 23 64  64  HOH HOH B . 
F 3 HOH 24 67  67  HOH HOH B . 
F 3 HOH 25 69  69  HOH HOH B . 
F 3 HOH 26 70  70  HOH HOH B . 
F 3 HOH 27 72  72  HOH HOH B . 
F 3 HOH 28 73  73  HOH HOH B . 
F 3 HOH 29 75  75  HOH HOH B . 
F 3 HOH 30 79  79  HOH HOH B . 
F 3 HOH 31 80  80  HOH HOH B . 
F 3 HOH 32 82  82  HOH HOH B . 
F 3 HOH 33 84  84  HOH HOH B . 
F 3 HOH 34 85  85  HOH HOH B . 
F 3 HOH 35 89  89  HOH HOH B . 
F 3 HOH 36 90  90  HOH HOH B . 
F 3 HOH 37 93  93  HOH HOH B . 
F 3 HOH 38 96  96  HOH HOH B . 
F 3 HOH 39 98  98  HOH HOH B . 
F 3 HOH 40 99  99  HOH HOH B . 
F 3 HOH 41 103 103 HOH HOH B . 
F 3 HOH 42 104 104 HOH HOH B . 
F 3 HOH 43 105 105 HOH HOH B . 
F 3 HOH 44 107 107 HOH HOH B . 
F 3 HOH 45 111 111 HOH HOH B . 
F 3 HOH 46 115 115 HOH HOH B . 
# 
loop_
_software.name 
_software.version 
_software.date 
_software.type 
_software.contact_author 
_software.contact_author_email 
_software.classification 
_software.location 
_software.language 
_software.citation_id 
_software.pdbx_ordinal 
DENZO     .        ? package 'Zbyszek Otwinowski' zbyszek@mix.swmed.edu 'data reduction' 
http://www.lnls.br/infra/linhasluz/denzo-hkl.htm ?       ? 1 
SCALEPACK .        ? package 'Zbyszek Otwinowski' zbyszek@mix.swmed.edu 'data scaling'   
http://www.lnls.br/infra/linhasluz/denzo-hkl.htm ?       ? 2 
REFMAC    5.2.0005 ? program 'Murshudov, G.N.'    ccp4@dl.ac.uk         refinement       http://www.ccp4.ac.uk/main.html Fortran ? 
3 
EPMR      .        ? ?       ?                    ?                     phasing          ? ?       ? 4 
# 
_cell.length_a           24.493 
_cell.length_b           44.315 
_cell.length_c           47.711 
_cell.angle_alpha        90.00 
_cell.angle_beta         90.00 
_cell.angle_gamma        90.00 
_cell.entry_id           1ZEY 
_cell.pdbx_unique_axis   ? 
_cell.Z_PDB              8 
# 
_symmetry.space_group_name_H-M             'P 21 21 21' 
_symmetry.Int_Tables_number                19 
_symmetry.entry_id                         1ZEY 
_symmetry.pdbx_full_space_group_name_H-M   ? 
_symmetry.cell_setting                     ? 
_symmetry.space_group_name_Hall            ? 
# 
_exptl.entry_id          1ZEY 
_exptl.method            'X-RAY DIFFRACTION' 
_exptl.crystals_number   1 
# 
_exptl_crystal.id                    1 
_exptl_crystal.density_meas          ? 
_exptl_crystal.density_Matthews      2.12 
_exptl_crystal.density_percent_sol   42.10 
_exptl_crystal.description           ? 
_exptl_crystal.F_000                 ? 
_exptl_crystal.preparation           ? 
# 
_exptl_crystal_grow.crystal_id      1 
_exptl_crystal_grow.method          ? 
_exptl_crystal_grow.temp            298 
_exptl_crystal_grow.temp_details    ? 
_exptl_crystal_grow.pH              7.00 
_exptl_crystal_grow.pdbx_details    
'Na Cacodylate, CaCl2, Spermine, MPD in resevoir, pH 7.0, VAPOR DIFFUSION, SITTING DROP, temperature 298K, pH 7.00' 
_exptl_crystal_grow.pdbx_pH_range   . 
# 
loop_
_exptl_crystal_grow_comp.crystal_id 
_exptl_crystal_grow_comp.id 
_exptl_crystal_grow_comp.sol_id 
_exptl_crystal_grow_comp.name 
_exptl_crystal_grow_comp.conc 
_exptl_crystal_grow_comp.volume 
_exptl_crystal_grow_comp.details 
1 1 1 'Na Cacodylate' ? ? ? 
1 2 1 CaCl2           ? ? ? 
1 3 1 Spermine        ? ? ? 
1 4 1 MPD             ? ? ? 
1 5 1 H2O             ? ? ? 
1 6 2 'Na Cacodylate' ? ? ? 
1 7 2 CaCl2           ? ? ? 
1 8 2 MPD             ? ? ? 
1 9 2 H2O             ? ? ? 
# 
_diffrn.id                     1 
_diffrn.ambient_temp           103.0 
_diffrn.ambient_temp_details   ? 
_diffrn.crystal_id             1 
# 
_diffrn_detector.diffrn_id              1 
_diffrn_detector.detector               'IMAGE PLATE' 
_diffrn_detector.type                   'RIGAKU RAXIS IV' 
_diffrn_detector.pdbx_collection_date   2004-12-19 
_diffrn_detector.details                ? 
# 
_diffrn_radiation.diffrn_id                        1 
_diffrn_radiation.wavelength_id                    1 
_diffrn_radiation.pdbx_monochromatic_or_laue_m_l   M 
_diffrn_radiation.monochromator                    ? 
_diffrn_radiation.pdbx_diffrn_protocol             'SINGLE WAVELENGTH' 
_diffrn_radiation.pdbx_scattering_type             x-ray 
# 
_diffrn_radiation_wavelength.id           1 
_diffrn_radiation_wavelength.wavelength   1.542 
_diffrn_radiation_wavelength.wt           1.0 
# 
_diffrn_source.diffrn_id                   1 
_diffrn_source.source                      'ROTATING ANODE' 
_diffrn_source.type                        'RIGAKU RUH3R' 
_diffrn_source.pdbx_synchrotron_site       ? 
_diffrn_source.pdbx_synchrotron_beamline   ? 
_diffrn_source.pdbx_wavelength             1.542 
_diffrn_source.pdbx_wavelength_list        ? 
# 
_reflns.entry_id                     1ZEY 
_reflns.observed_criterion_sigma_I   2.000 
_reflns.observed_criterion_sigma_F   ? 
_reflns.d_resolution_low             99.000 
_reflns.d_resolution_high            1.650 
_reflns.number_obs                   5690 
_reflns.number_all                   ? 
_reflns.percent_possible_obs         84.8 
_reflns.pdbx_Rmerge_I_obs            0.078 
_reflns.pdbx_Rsym_value              ? 
_reflns.pdbx_netI_over_sigmaI        ? 
_reflns.B_iso_Wilson_estimate        3.10 
_reflns.pdbx_redundancy              ? 
_reflns.R_free_details               ? 
_reflns.pdbx_chi_squared             ? 
_reflns.pdbx_scaling_rejects         ? 
_reflns.pdbx_diffrn_id               1 
_reflns.pdbx_ordinal                 1 
# 
_reflns_shell.d_res_high             1.65 
_reflns_shell.d_res_low              1.71 
_reflns_shell.percent_possible_all   57.8 
_reflns_shell.Rmerge_I_obs           0.077 
_reflns_shell.pdbx_Rsym_value        0.077 
_reflns_shell.meanI_over_sigI_obs    8.700 
_reflns_shell.pdbx_redundancy        ? 
_reflns_shell.percent_possible_obs   ? 
_reflns_shell.number_unique_all      ? 
_reflns_shell.number_measured_all    ? 
_reflns_shell.number_measured_obs    ? 
_reflns_shell.number_unique_obs      ? 
_reflns_shell.pdbx_chi_squared       ? 
_reflns_shell.pdbx_diffrn_id         ? 
_reflns_shell.pdbx_ordinal           1 
# 
_refine.entry_id                                 1ZEY 
_refine.ls_number_reflns_obs                     4755 
_refine.ls_number_reflns_all                     ? 
_refine.pdbx_ls_sigma_I                          ? 
_refine.pdbx_ls_sigma_F                          2.000 
_refine.pdbx_data_cutoff_high_absF               ? 
_refine.pdbx_data_cutoff_low_absF                ? 
_refine.pdbx_data_cutoff_high_rms_absF           ? 
_refine.ls_d_res_low                             22.16 
_refine.ls_d_res_high                            1.70 
_refine.ls_percent_reflns_obs                    100.0 
_refine.ls_R_factor_obs                          ? 
_refine.ls_R_factor_all                          ? 
_refine.ls_R_factor_R_work                       0.266 
_refine.ls_R_factor_R_free                       0.327 
_refine.ls_R_factor_R_free_error                 ? 
_refine.ls_R_factor_R_free_error_details         ? 
_refine.ls_percent_reflns_R_free                 10.700 
_refine.ls_number_reflns_R_free                  571 
_refine.ls_number_parameters                     ? 
_refine.ls_number_restraints                     ? 
_refine.occupancy_min                            ? 
_refine.occupancy_max                            ? 
_refine.correlation_coeff_Fo_to_Fc               0.749 
_refine.correlation_coeff_Fo_to_Fc_free          0.612 
_refine.B_iso_mean                               3.86 
_refine.aniso_B[1][1]                            -0.78000 
_refine.aniso_B[2][2]                            -0.04000 
_refine.aniso_B[3][3]                            0.81000 
_refine.aniso_B[1][2]                            0.00000 
_refine.aniso_B[1][3]                            0.00000 
_refine.aniso_B[2][3]                            0.00000 
_refine.solvent_model_details                    MASK 
_refine.solvent_model_param_ksol                 ? 
_refine.solvent_model_param_bsol                 ? 
_refine.pdbx_solvent_vdw_probe_radii             1.20 
_refine.pdbx_solvent_ion_probe_radii             0.80 
_refine.pdbx_solvent_shrinkage_radii             0.80 
_refine.pdbx_ls_cross_valid_method               THROUGHOUT 
_refine.details                                  
'STRUCTURE IS NOT REFINED TO ITS LOWEST R VALUES. PLEASE REFER TO CITED REFERENCE FOR MORE INFORMATION.' 
_refine.pdbx_starting_model                      'ndb entries ADJ049 and AD0046' 
_refine.pdbx_method_to_determine_struct          'MOLECULAR REPLACEMENT' 
_refine.pdbx_isotropic_thermal_model             ? 
_refine.pdbx_stereochemistry_target_values       'MAXIMUM LIKELIHOOD' 
_refine.pdbx_stereochem_target_val_spec_case     ? 
_refine.pdbx_R_Free_selection_details            RANDOM 
_refine.pdbx_overall_ESU_R                       0.197 
_refine.pdbx_overall_ESU_R_Free                  0.186 
_refine.overall_SU_ML                            0.154 
_refine.overall_SU_B                             4.657 
_refine.ls_redundancy_reflns_obs                 ? 
_refine.overall_SU_R_Cruickshank_DPI             ? 
_refine.overall_SU_R_free                        ? 
_refine.ls_wR_factor_R_free                      ? 
_refine.ls_wR_factor_R_work                      ? 
_refine.overall_FOM_free_R_set                   ? 
_refine.overall_FOM_work_R_set                   ? 
_refine.pdbx_refine_id                           'X-RAY DIFFRACTION' 
_refine.pdbx_diffrn_id                           1 
_refine.pdbx_TLS_residual_ADP_flag               ? 
_refine.pdbx_overall_phase_error                 ? 
_refine.pdbx_overall_SU_R_free_Cruickshank_DPI   ? 
_refine.pdbx_overall_SU_R_Blow_DPI               ? 
_refine.pdbx_overall_SU_R_free_Blow_DPI          ? 
# 
_refine_hist.pdbx_refine_id                   'X-RAY DIFFRACTION' 
_refine_hist.cycle_id                         LAST 
_refine_hist.pdbx_number_atoms_protein        0 
_refine_hist.pdbx_number_atoms_nucleic_acid   404 
_refine_hist.pdbx_number_atoms_ligand         2 
_refine_hist.number_atoms_solvent             93 
_refine_hist.number_atoms_total               499 
_refine_hist.d_res_high                       1.70 
_refine_hist.d_res_low                        22.16 
# 
loop_
_refine_ls_restr.type 
_refine_ls_restr.dev_ideal 
_refine_ls_restr.dev_ideal_target 
_refine_ls_restr.weight 
_refine_ls_restr.number 
_refine_ls_restr.pdbx_refine_id 
_refine_ls_restr.pdbx_restraint_function 
r_bond_refined_d             0.012 0.021 ? 452 'X-RAY DIFFRACTION' ? 
r_bond_other_d               ?     ?     ? ?   'X-RAY DIFFRACTION' ? 
r_angle_refined_deg          2.798 3.000 ? 694 'X-RAY DIFFRACTION' ? 
r_angle_other_deg            ?     ?     ? ?   'X-RAY DIFFRACTION' ? 
r_dihedral_angle_1_deg       ?     ?     ? ?   'X-RAY DIFFRACTION' ? 
r_dihedral_angle_2_deg       ?     ?     ? ?   'X-RAY DIFFRACTION' ? 
r_dihedral_angle_3_deg       ?     ?     ? ?   'X-RAY DIFFRACTION' ? 
r_dihedral_angle_4_deg       ?     ?     ? ?   'X-RAY DIFFRACTION' ? 
r_chiral_restr               0.124 0.200 ? 78  'X-RAY DIFFRACTION' ? 
r_gen_planes_refined         0.010 0.020 ? 210 'X-RAY DIFFRACTION' ? 
r_gen_planes_other           ?     ?     ? ?   'X-RAY DIFFRACTION' ? 
r_nbd_refined                0.288 0.200 ? 207 'X-RAY DIFFRACTION' ? 
r_nbd_other                  ?     ?     ? ?   'X-RAY DIFFRACTION' ? 
r_nbtor_refined              0.346 0.200 ? 253 'X-RAY DIFFRACTION' ? 
r_nbtor_other                ?     ?     ? ?   'X-RAY DIFFRACTION' ? 
r_xyhbond_nbd_refined        0.245 0.200 ? 58  'X-RAY DIFFRACTION' ? 
r_xyhbond_nbd_other          ?     ?     ? ?   'X-RAY DIFFRACTION' ? 
r_metal_ion_refined          ?     ?     ? ?   'X-RAY DIFFRACTION' ? 
r_metal_ion_other            ?     ?     ? ?   'X-RAY DIFFRACTION' ? 
r_symmetry_vdw_refined       0.230 0.200 ? 24  'X-RAY DIFFRACTION' ? 
r_symmetry_vdw_other         ?     ?     ? ?   'X-RAY DIFFRACTION' ? 
r_symmetry_hbond_refined     0.220 0.200 ? 5   'X-RAY DIFFRACTION' ? 
r_symmetry_hbond_other       ?     ?     ? ?   'X-RAY DIFFRACTION' ? 
r_symmetry_metal_ion_refined ?     ?     ? ?   'X-RAY DIFFRACTION' ? 
r_symmetry_metal_ion_other   ?     ?     ? ?   'X-RAY DIFFRACTION' ? 
r_mcbond_it                  ?     ?     ? ?   'X-RAY DIFFRACTION' ? 
r_mcbond_other               ?     ?     ? ?   'X-RAY DIFFRACTION' ? 
r_mcangle_it                 ?     ?     ? ?   'X-RAY DIFFRACTION' ? 
r_scbond_it                  1.103 3.000 ? 557 'X-RAY DIFFRACTION' ? 
r_scangle_it                 1.472 4.500 ? 694 'X-RAY DIFFRACTION' ? 
r_rigid_bond_restr           ?     ?     ? ?   'X-RAY DIFFRACTION' ? 
r_sphericity_free            ?     ?     ? ?   'X-RAY DIFFRACTION' ? 
r_sphericity_bonded          ?     ?     ? ?   'X-RAY DIFFRACTION' ? 
# 
_refine_ls_shell.pdbx_total_number_of_bins_used   6 
_refine_ls_shell.d_res_high                       1.70 
_refine_ls_shell.d_res_low                        1.81 
_refine_ls_shell.number_reflns_R_work             613 
_refine_ls_shell.R_factor_R_work                  0.279 
_refine_ls_shell.percent_reflns_obs               69.4 
_refine_ls_shell.R_factor_R_free                  0.344 
_refine_ls_shell.R_factor_R_free_error            ? 
_refine_ls_shell.percent_reflns_R_free            ? 
_refine_ls_shell.number_reflns_R_free             10 
_refine_ls_shell.redundancy_reflns_obs            ? 
_refine_ls_shell.pdbx_refine_id                   'X-RAY DIFFRACTION' 
_refine_ls_shell.number_reflns_all                ? 
_refine_ls_shell.R_factor_all                     ? 
# 
_struct.entry_id                  1ZEY 
_struct.title                     'CGG A-DNA' 
_struct.pdbx_model_details        ? 
_struct.pdbx_CASP_flag            ? 
_struct.pdbx_model_type_details   ? 
# 
_struct_keywords.text            'Crystallographic Screen, DNA Structure, Holliday Junction, Molecular Structure, DNA' 
_struct_keywords.entry_id        1ZEY 
_struct_keywords.pdbx_keywords   DNA 
# 
loop_
_struct_asym.id 
_struct_asym.pdbx_blank_PDB_chainid_flag 
_struct_asym.pdbx_modified 
_struct_asym.entity_id 
_struct_asym.details 
A N N 1 ? 
B N N 1 ? 
C N N 2 ? 
D N N 2 ? 
E N N 3 ? 
F N N 3 ? 
# 
_struct_ref.id                         1 
_struct_ref.entity_id                  1 
_struct_ref.db_name                    PDB 
_struct_ref.db_code                    1ZEY 
_struct_ref.pdbx_db_accession          1ZEY 
_struct_ref.pdbx_db_isoform            ? 
_struct_ref.pdbx_seq_one_letter_code   ? 
_struct_ref.pdbx_align_begin           ? 
# 
loop_
_struct_ref_seq.align_id 
_struct_ref_seq.ref_id 
_struct_ref_seq.pdbx_PDB_id_code 
_struct_ref_seq.pdbx_strand_id 
_struct_ref_seq.seq_align_beg 
_struct_ref_seq.pdbx_seq_align_beg_ins_code 
_struct_ref_seq.seq_align_end 
_struct_ref_seq.pdbx_seq_align_end_ins_code 
_struct_ref_seq.pdbx_db_accession 
_struct_ref_seq.db_align_beg 
_struct_ref_seq.pdbx_db_align_beg_ins_code 
_struct_ref_seq.db_align_end 
_struct_ref_seq.pdbx_db_align_end_ins_code 
_struct_ref_seq.pdbx_auth_seq_align_beg 
_struct_ref_seq.pdbx_auth_seq_align_end 
1 1 1ZEY A 1 ? 10 ? 1ZEY 1  ? 10 ? 1  10 
2 1 1ZEY B 1 ? 10 ? 1ZEY 11 ? 20 ? 11 20 
# 
_pdbx_struct_assembly.id                   1 
_pdbx_struct_assembly.details              author_defined_assembly 
_pdbx_struct_assembly.method_details       ? 
_pdbx_struct_assembly.oligomeric_details   dimeric 
_pdbx_struct_assembly.oligomeric_count     2 
# 
_pdbx_struct_assembly_gen.assembly_id       1 
_pdbx_struct_assembly_gen.oper_expression   1 
_pdbx_struct_assembly_gen.asym_id_list      A,B,C,D,E,F 
# 
_pdbx_struct_oper_list.id                   1 
_pdbx_struct_oper_list.type                 'identity operation' 
_pdbx_struct_oper_list.name                 1_555 
_pdbx_struct_oper_list.symmetry_operation   x,y,z 
_pdbx_struct_oper_list.matrix[1][1]         1.0000000000 
_pdbx_struct_oper_list.matrix[1][2]         0.0000000000 
_pdbx_struct_oper_list.matrix[1][3]         0.0000000000 
_pdbx_struct_oper_list.vector[1]            0.0000000000 
_pdbx_struct_oper_list.matrix[2][1]         0.0000000000 
_pdbx_struct_oper_list.matrix[2][2]         1.0000000000 
_pdbx_struct_oper_list.matrix[2][3]         0.0000000000 
_pdbx_struct_oper_list.vector[2]            0.0000000000 
_pdbx_struct_oper_list.matrix[3][1]         0.0000000000 
_pdbx_struct_oper_list.matrix[3][2]         0.0000000000 
_pdbx_struct_oper_list.matrix[3][3]         1.0000000000 
_pdbx_struct_oper_list.vector[3]            0.0000000000 
# 
_struct_biol.id                    1 
_struct_biol.pdbx_parent_biol_id   ? 
_struct_biol.details               ? 
# 
loop_
_struct_conn.id 
_struct_conn.conn_type_id 
_struct_conn.pdbx_leaving_atom_flag 
_struct_conn.pdbx_PDB_id 
_struct_conn.ptnr1_label_asym_id 
_struct_conn.ptnr1_label_comp_id 
_struct_conn.ptnr1_label_seq_id 
_struct_conn.ptnr1_label_atom_id 
_struct_conn.pdbx_ptnr1_label_alt_id 
_struct_conn.pdbx_ptnr1_PDB_ins_code 
_struct_conn.pdbx_ptnr1_standard_comp_id 
_struct_conn.ptnr1_symmetry 
_struct_conn.ptnr2_label_asym_id 
_struct_conn.ptnr2_label_comp_id 
_struct_conn.ptnr2_label_seq_id 
_struct_conn.ptnr2_label_atom_id 
_struct_conn.pdbx_ptnr2_label_alt_id 
_struct_conn.pdbx_ptnr2_PDB_ins_code 
_struct_conn.ptnr1_auth_asym_id 
_struct_conn.ptnr1_auth_comp_id 
_struct_conn.ptnr1_auth_seq_id 
_struct_conn.ptnr2_auth_asym_id 
_struct_conn.ptnr2_auth_comp_id 
_struct_conn.ptnr2_auth_seq_id 
_struct_conn.ptnr2_symmetry 
_struct_conn.pdbx_ptnr3_label_atom_id 
_struct_conn.pdbx_ptnr3_label_seq_id 
_struct_conn.pdbx_ptnr3_label_comp_id 
_struct_conn.pdbx_ptnr3_label_asym_id 
_struct_conn.pdbx_ptnr3_label_alt_id 
_struct_conn.pdbx_ptnr3_PDB_ins_code 
_struct_conn.details 
_struct_conn.pdbx_dist_value 
_struct_conn.pdbx_value_order 
_struct_conn.pdbx_role 
metalc1  metalc ? ? C NA .  NA ? ? ? 1_555 F HOH .  O  ? ? A NA 40 B HOH 93 2_654 ? ? ? ? ? ? ?            2.093 ? ? 
metalc2  metalc ? ? D NA .  NA ? ? ? 1_555 F HOH .  O  ? ? B NA 21 B HOH 29 1_555 ? ? ? ? ? ? ?            2.789 ? ? 
metalc3  metalc ? ? D NA .  NA ? ? ? 1_555 F HOH .  O  ? ? B NA 21 B HOH 63 1_555 ? ? ? ? ? ? ?            1.859 ? ? 
hydrog1  hydrog ? ? A DC 1  N3 ? ? ? 1_555 B DG  10 N1 ? ? A DC 1  B DG  20 1_555 ? ? ? ? ? ? WATSON-CRICK ?     ? ? 
hydrog2  hydrog ? ? A DC 1  N4 ? ? ? 1_555 B DG  10 O6 ? ? A DC 1  B DG  20 1_555 ? ? ? ? ? ? WATSON-CRICK ?     ? ? 
hydrog3  hydrog ? ? A DC 1  O2 ? ? ? 1_555 B DG  10 N2 ? ? A DC 1  B DG  20 1_555 ? ? ? ? ? ? WATSON-CRICK ?     ? ? 
hydrog4  hydrog ? ? A DC 2  N3 ? ? ? 1_555 B DG  9  N1 ? ? A DC 2  B DG  19 1_555 ? ? ? ? ? ? WATSON-CRICK ?     ? ? 
hydrog5  hydrog ? ? A DC 2  N4 ? ? ? 1_555 B DG  9  O6 ? ? A DC 2  B DG  19 1_555 ? ? ? ? ? ? WATSON-CRICK ?     ? ? 
hydrog6  hydrog ? ? A DC 2  O2 ? ? ? 1_555 B DG  9  N2 ? ? A DC 2  B DG  19 1_555 ? ? ? ? ? ? WATSON-CRICK ?     ? ? 
hydrog7  hydrog ? ? A DC 2  N4 ? ? ? 1_555 B DG  10 O6 ? ? A DC 2  B DG  20 1_555 ? ? ? ? ? ? 'DC-DG PAIR' ?     ? ? 
hydrog8  hydrog ? ? A DC 3  N3 ? ? ? 1_555 B DG  8  N1 ? ? A DC 3  B DG  18 1_555 ? ? ? ? ? ? WATSON-CRICK ?     ? ? 
hydrog9  hydrog ? ? A DC 3  N4 ? ? ? 1_555 B DG  8  O6 ? ? A DC 3  B DG  18 1_555 ? ? ? ? ? ? WATSON-CRICK ?     ? ? 
hydrog10 hydrog ? ? A DC 3  O2 ? ? ? 1_555 B DG  8  N2 ? ? A DC 3  B DG  18 1_555 ? ? ? ? ? ? WATSON-CRICK ?     ? ? 
hydrog11 hydrog ? ? A DC 4  N3 ? ? ? 1_555 B DG  7  N1 ? ? A DC 4  B DG  17 1_555 ? ? ? ? ? ? WATSON-CRICK ?     ? ? 
hydrog12 hydrog ? ? A DC 4  N4 ? ? ? 1_555 B DG  7  O6 ? ? A DC 4  B DG  17 1_555 ? ? ? ? ? ? WATSON-CRICK ?     ? ? 
hydrog13 hydrog ? ? A DC 4  O2 ? ? ? 1_555 B DG  7  N2 ? ? A DC 4  B DG  17 1_555 ? ? ? ? ? ? WATSON-CRICK ?     ? ? 
hydrog14 hydrog ? ? A DG 5  N1 ? ? ? 1_555 B DC  6  N3 ? ? A DG 5  B DC  16 1_555 ? ? ? ? ? ? WATSON-CRICK ?     ? ? 
hydrog15 hydrog ? ? A DG 5  N2 ? ? ? 1_555 B DC  6  O2 ? ? A DG 5  B DC  16 1_555 ? ? ? ? ? ? WATSON-CRICK ?     ? ? 
hydrog16 hydrog ? ? A DG 5  O6 ? ? ? 1_555 B DC  6  N4 ? ? A DG 5  B DC  16 1_555 ? ? ? ? ? ? WATSON-CRICK ?     ? ? 
hydrog17 hydrog ? ? A DC 6  N3 ? ? ? 1_555 B DG  5  N1 ? ? A DC 6  B DG  15 1_555 ? ? ? ? ? ? WATSON-CRICK ?     ? ? 
hydrog18 hydrog ? ? A DC 6  N4 ? ? ? 1_555 B DG  5  O6 ? ? A DC 6  B DG  15 1_555 ? ? ? ? ? ? WATSON-CRICK ?     ? ? 
hydrog19 hydrog ? ? A DC 6  O2 ? ? ? 1_555 B DG  5  N2 ? ? A DC 6  B DG  15 1_555 ? ? ? ? ? ? WATSON-CRICK ?     ? ? 
hydrog20 hydrog ? ? A DG 7  N1 ? ? ? 1_555 B DC  4  N3 ? ? A DG 7  B DC  14 1_555 ? ? ? ? ? ? 'DG-DC PAIR' ?     ? ? 
hydrog21 hydrog ? ? A DG 8  N1 ? ? ? 1_555 B DC  3  N3 ? ? A DG 8  B DC  13 1_555 ? ? ? ? ? ? WATSON-CRICK ?     ? ? 
hydrog22 hydrog ? ? A DG 8  N2 ? ? ? 1_555 B DC  3  O2 ? ? A DG 8  B DC  13 1_555 ? ? ? ? ? ? WATSON-CRICK ?     ? ? 
hydrog23 hydrog ? ? A DG 8  O6 ? ? ? 1_555 B DC  3  N4 ? ? A DG 8  B DC  13 1_555 ? ? ? ? ? ? WATSON-CRICK ?     ? ? 
hydrog24 hydrog ? ? A DG 9  N1 ? ? ? 1_555 B DC  2  N3 ? ? A DG 9  B DC  12 1_555 ? ? ? ? ? ? WATSON-CRICK ?     ? ? 
hydrog25 hydrog ? ? A DG 9  N2 ? ? ? 1_555 B DC  2  O2 ? ? A DG 9  B DC  12 1_555 ? ? ? ? ? ? WATSON-CRICK ?     ? ? 
hydrog26 hydrog ? ? A DG 9  O6 ? ? ? 1_555 B DC  2  N4 ? ? A DG 9  B DC  12 1_555 ? ? ? ? ? ? WATSON-CRICK ?     ? ? 
hydrog27 hydrog ? ? A DG 10 N1 ? ? ? 1_555 B DC  1  N3 ? ? A DG 10 B DC  11 1_555 ? ? ? ? ? ? WATSON-CRICK ?     ? ? 
hydrog28 hydrog ? ? A DG 10 N2 ? ? ? 1_555 B DC  1  O2 ? ? A DG 10 B DC  11 1_555 ? ? ? ? ? ? WATSON-CRICK ?     ? ? 
hydrog29 hydrog ? ? A DG 10 O6 ? ? ? 1_555 B DC  1  N4 ? ? A DG 10 B DC  11 1_555 ? ? ? ? ? ? WATSON-CRICK ?     ? ? 
hydrog30 hydrog ? ? A DG 10 N1 ? ? ? 1_555 B DC  2  N3 ? ? A DG 10 B DC  12 1_555 ? ? ? ? ? ? WATSON-CRICK ?     ? ? 
hydrog31 hydrog ? ? A DG 10 N2 ? ? ? 1_555 B DC  2  O2 ? ? A DG 10 B DC  12 1_555 ? ? ? ? ? ? WATSON-CRICK ?     ? ? 
hydrog32 hydrog ? ? A DG 10 O6 ? ? ? 1_555 B DC  2  N4 ? ? A DG 10 B DC  12 1_555 ? ? ? ? ? ? WATSON-CRICK ?     ? ? 
# 
loop_
_struct_conn_type.id 
_struct_conn_type.criteria 
_struct_conn_type.reference 
metalc ? ? 
hydrog ? ? 
# 
_pdbx_struct_conn_angle.id                    1 
_pdbx_struct_conn_angle.ptnr1_label_atom_id   O 
_pdbx_struct_conn_angle.ptnr1_label_alt_id    ? 
_pdbx_struct_conn_angle.ptnr1_label_asym_id   F 
_pdbx_struct_conn_angle.ptnr1_label_comp_id   HOH 
_pdbx_struct_conn_angle.ptnr1_label_seq_id    . 
_pdbx_struct_conn_angle.ptnr1_auth_atom_id    ? 
_pdbx_struct_conn_angle.ptnr1_auth_asym_id    B 
_pdbx_struct_conn_angle.ptnr1_auth_comp_id    HOH 
_pdbx_struct_conn_angle.ptnr1_auth_seq_id     29 
_pdbx_struct_conn_angle.ptnr1_PDB_ins_code    ? 
_pdbx_struct_conn_angle.ptnr1_symmetry        1_555 
_pdbx_struct_conn_angle.ptnr2_label_atom_id   NA 
_pdbx_struct_conn_angle.ptnr2_label_alt_id    ? 
_pdbx_struct_conn_angle.ptnr2_label_asym_id   D 
_pdbx_struct_conn_angle.ptnr2_label_comp_id   NA 
_pdbx_struct_conn_angle.ptnr2_label_seq_id    . 
_pdbx_struct_conn_angle.ptnr2_auth_atom_id    ? 
_pdbx_struct_conn_angle.ptnr2_auth_asym_id    B 
_pdbx_struct_conn_angle.ptnr2_auth_comp_id    NA 
_pdbx_struct_conn_angle.ptnr2_auth_seq_id     21 
_pdbx_struct_conn_angle.ptnr2_PDB_ins_code    ? 
_pdbx_struct_conn_angle.ptnr2_symmetry        1_555 
_pdbx_struct_conn_angle.ptnr3_label_atom_id   O 
_pdbx_struct_conn_angle.ptnr3_label_alt_id    ? 
_pdbx_struct_conn_angle.ptnr3_label_asym_id   F 
_pdbx_struct_conn_angle.ptnr3_label_comp_id   HOH 
_pdbx_struct_conn_angle.ptnr3_label_seq_id    . 
_pdbx_struct_conn_angle.ptnr3_auth_atom_id    ? 
_pdbx_struct_conn_angle.ptnr3_auth_asym_id    B 
_pdbx_struct_conn_angle.ptnr3_auth_comp_id    HOH 
_pdbx_struct_conn_angle.ptnr3_auth_seq_id     63 
_pdbx_struct_conn_angle.ptnr3_PDB_ins_code    ? 
_pdbx_struct_conn_angle.ptnr3_symmetry        1_555 
_pdbx_struct_conn_angle.value                 124.1 
_pdbx_struct_conn_angle.value_esd             ? 
# 
loop_
_struct_site.id 
_struct_site.pdbx_evidence_code 
_struct_site.pdbx_auth_asym_id 
_struct_site.pdbx_auth_comp_id 
_struct_site.pdbx_auth_seq_id 
_struct_site.pdbx_auth_ins_code 
_struct_site.pdbx_num_residues 
_struct_site.details 
AC1 Software B NA 21 ? 2 'BINDING SITE FOR RESIDUE NA B 21' 
AC2 Software A NA 40 ? 2 'BINDING SITE FOR RESIDUE NA A 40' 
# 
loop_
_struct_site_gen.id 
_struct_site_gen.site_id 
_struct_site_gen.pdbx_num_res 
_struct_site_gen.label_comp_id 
_struct_site_gen.label_asym_id 
_struct_site_gen.label_seq_id 
_struct_site_gen.pdbx_auth_ins_code 
_struct_site_gen.auth_comp_id 
_struct_site_gen.auth_asym_id 
_struct_site_gen.auth_seq_id 
_struct_site_gen.label_atom_id 
_struct_site_gen.label_alt_id 
_struct_site_gen.symmetry 
_struct_site_gen.details 
1 AC1 2 HOH F . ? HOH B 29 . ? 1_555 ? 
2 AC1 2 HOH F . ? HOH B 63 . ? 1_555 ? 
3 AC2 2 DC  A 3 ? DC  A 3  . ? 1_555 ? 
4 AC2 2 HOH F . ? HOH B 93 . ? 2_654 ? 
# 
_pdbx_validate_close_contact.id               1 
_pdbx_validate_close_contact.PDB_model_num    1 
_pdbx_validate_close_contact.auth_atom_id_1   O6 
_pdbx_validate_close_contact.auth_asym_id_1   A 
_pdbx_validate_close_contact.auth_comp_id_1   DG 
_pdbx_validate_close_contact.auth_seq_id_1    7 
_pdbx_validate_close_contact.PDB_ins_code_1   ? 
_pdbx_validate_close_contact.label_alt_id_1   ? 
_pdbx_validate_close_contact.auth_atom_id_2   N4 
_pdbx_validate_close_contact.auth_asym_id_2   B 
_pdbx_validate_close_contact.auth_comp_id_2   DC 
_pdbx_validate_close_contact.auth_seq_id_2    14 
_pdbx_validate_close_contact.PDB_ins_code_2   ? 
_pdbx_validate_close_contact.label_alt_id_2   ? 
_pdbx_validate_close_contact.dist             2.12 
# 
loop_
_pdbx_validate_rmsd_angle.id 
_pdbx_validate_rmsd_angle.PDB_model_num 
_pdbx_validate_rmsd_angle.auth_atom_id_1 
_pdbx_validate_rmsd_angle.auth_asym_id_1 
_pdbx_validate_rmsd_angle.auth_comp_id_1 
_pdbx_validate_rmsd_angle.auth_seq_id_1 
_pdbx_validate_rmsd_angle.PDB_ins_code_1 
_pdbx_validate_rmsd_angle.label_alt_id_1 
_pdbx_validate_rmsd_angle.auth_atom_id_2 
_pdbx_validate_rmsd_angle.auth_asym_id_2 
_pdbx_validate_rmsd_angle.auth_comp_id_2 
_pdbx_validate_rmsd_angle.auth_seq_id_2 
_pdbx_validate_rmsd_angle.PDB_ins_code_2 
_pdbx_validate_rmsd_angle.label_alt_id_2 
_pdbx_validate_rmsd_angle.auth_atom_id_3 
_pdbx_validate_rmsd_angle.auth_asym_id_3 
_pdbx_validate_rmsd_angle.auth_comp_id_3 
_pdbx_validate_rmsd_angle.auth_seq_id_3 
_pdbx_validate_rmsd_angle.PDB_ins_code_3 
_pdbx_validate_rmsd_angle.label_alt_id_3 
_pdbx_validate_rmsd_angle.angle_value 
_pdbx_validate_rmsd_angle.angle_target_value 
_pdbx_validate_rmsd_angle.angle_deviation 
_pdbx_validate_rmsd_angle.angle_standard_deviation 
_pdbx_validate_rmsd_angle.linker_flag 
1  1 "O4'" A DC 1  ? ? "C1'" A DC 1  ? ? N1    A DC 1  ? ? 117.78 108.30 9.48   0.30 N 
2  1 N1    A DC 1  ? ? C2    A DC 1  ? ? O2    A DC 1  ? ? 122.79 118.90 3.89   0.60 N 
3  1 "O4'" A DC 2  ? ? "C1'" A DC 2  ? ? N1    A DC 2  ? ? 115.32 108.30 7.02   0.30 N 
4  1 "O4'" A DC 4  ? ? "C1'" A DC 4  ? ? "C2'" A DC 4  ? ? 110.43 106.80 3.63   0.50 N 
5  1 C6    A DC 4  ? ? N1    A DC 4  ? ? C2    A DC 4  ? ? 123.61 120.30 3.31   0.40 N 
6  1 "O4'" A DG 5  ? ? "C1'" A DG 5  ? ? N9    A DG 5  ? ? 118.02 108.30 9.72   0.30 N 
7  1 N1    A DC 6  ? ? "C1'" A DC 6  ? ? "C2'" A DC 6  ? ? 100.41 112.60 -12.19 1.90 N 
8  1 "O4'" A DC 6  ? ? "C1'" A DC 6  ? ? N1    A DC 6  ? ? 112.12 108.30 3.82   0.30 N 
9  1 "O4'" A DG 7  ? ? "C1'" A DG 7  ? ? N9    A DG 7  ? ? 113.30 108.30 5.00   0.30 N 
10 1 "O4'" A DG 8  ? ? "C1'" A DG 8  ? ? N9    A DG 8  ? ? 113.87 108.30 5.57   0.30 N 
11 1 "O4'" A DG 9  ? ? "C1'" A DG 9  ? ? N9    A DG 9  ? ? 111.76 108.30 3.46   0.30 N 
12 1 "O4'" A DG 10 ? ? "C1'" A DG 10 ? ? N9    A DG 10 ? ? 111.54 108.30 3.24   0.30 N 
13 1 "O4'" B DC 11 ? ? "C1'" B DC 11 ? ? N1    B DC 11 ? ? 113.24 108.30 4.94   0.30 N 
14 1 "O4'" B DC 12 ? ? "C1'" B DC 12 ? ? N1    B DC 12 ? ? 110.48 108.30 2.18   0.30 N 
15 1 N1    B DC 13 ? ? "C1'" B DC 13 ? ? "C2'" B DC 13 ? ? 99.77  112.60 -12.83 1.90 N 
16 1 "O4'" B DC 13 ? ? "C1'" B DC 13 ? ? N1    B DC 13 ? ? 113.24 108.30 4.94   0.30 N 
17 1 "O5'" B DC 14 ? ? "C5'" B DC 14 ? ? "C4'" B DC 14 ? ? 102.06 109.40 -7.34  0.80 N 
18 1 "O4'" B DC 14 ? ? "C1'" B DC 14 ? ? N1    B DC 14 ? ? 117.33 108.30 9.03   0.30 N 
19 1 "O4'" B DC 16 ? ? "C1'" B DC 16 ? ? N1    B DC 16 ? ? 115.13 108.30 6.83   0.30 N 
20 1 "O4'" B DG 17 ? ? "C1'" B DG 17 ? ? "C2'" B DG 17 ? ? 110.19 106.80 3.39   0.50 N 
21 1 "O4'" B DG 17 ? ? "C1'" B DG 17 ? ? N9    B DG 17 ? ? 111.78 108.30 3.48   0.30 N 
22 1 N9    B DG 18 ? ? "C1'" B DG 18 ? ? "C2'" B DG 18 ? ? 100.41 112.60 -12.19 1.90 N 
23 1 "O4'" B DG 18 ? ? "C1'" B DG 18 ? ? N9    B DG 18 ? ? 121.14 108.30 12.84  0.30 N 
24 1 "O4'" B DG 19 ? ? "C1'" B DG 19 ? ? N9    B DG 19 ? ? 112.17 108.30 3.87   0.30 N 
# 
loop_
_chem_comp_atom.comp_id 
_chem_comp_atom.atom_id 
_chem_comp_atom.type_symbol 
_chem_comp_atom.pdbx_aromatic_flag 
_chem_comp_atom.pdbx_stereo_config 
_chem_comp_atom.pdbx_ordinal 
DC  OP3    O  N N 1  
DC  P      P  N N 2  
DC  OP1    O  N N 3  
DC  OP2    O  N N 4  
DC  "O5'"  O  N N 5  
DC  "C5'"  C  N N 6  
DC  "C4'"  C  N R 7  
DC  "O4'"  O  N N 8  
DC  "C3'"  C  N S 9  
DC  "O3'"  O  N N 10 
DC  "C2'"  C  N N 11 
DC  "C1'"  C  N R 12 
DC  N1     N  N N 13 
DC  C2     C  N N 14 
DC  O2     O  N N 15 
DC  N3     N  N N 16 
DC  C4     C  N N 17 
DC  N4     N  N N 18 
DC  C5     C  N N 19 
DC  C6     C  N N 20 
DC  HOP3   H  N N 21 
DC  HOP2   H  N N 22 
DC  "H5'"  H  N N 23 
DC  "H5''" H  N N 24 
DC  "H4'"  H  N N 25 
DC  "H3'"  H  N N 26 
DC  "HO3'" H  N N 27 
DC  "H2'"  H  N N 28 
DC  "H2''" H  N N 29 
DC  "H1'"  H  N N 30 
DC  H41    H  N N 31 
DC  H42    H  N N 32 
DC  H5     H  N N 33 
DC  H6     H  N N 34 
DG  OP3    O  N N 35 
DG  P      P  N N 36 
DG  OP1    O  N N 37 
DG  OP2    O  N N 38 
DG  "O5'"  O  N N 39 
DG  "C5'"  C  N N 40 
DG  "C4'"  C  N R 41 
DG  "O4'"  O  N N 42 
DG  "C3'"  C  N S 43 
DG  "O3'"  O  N N 44 
DG  "C2'"  C  N N 45 
DG  "C1'"  C  N R 46 
DG  N9     N  Y N 47 
DG  C8     C  Y N 48 
DG  N7     N  Y N 49 
DG  C5     C  Y N 50 
DG  C6     C  N N 51 
DG  O6     O  N N 52 
DG  N1     N  N N 53 
DG  C2     C  N N 54 
DG  N2     N  N N 55 
DG  N3     N  N N 56 
DG  C4     C  Y N 57 
DG  HOP3   H  N N 58 
DG  HOP2   H  N N 59 
DG  "H5'"  H  N N 60 
DG  "H5''" H  N N 61 
DG  "H4'"  H  N N 62 
DG  "H3'"  H  N N 63 
DG  "HO3'" H  N N 64 
DG  "H2'"  H  N N 65 
DG  "H2''" H  N N 66 
DG  "H1'"  H  N N 67 
DG  H8     H  N N 68 
DG  H1     H  N N 69 
DG  H21    H  N N 70 
DG  H22    H  N N 71 
HOH O      O  N N 72 
HOH H1     H  N N 73 
HOH H2     H  N N 74 
NA  NA     NA N N 75 
# 
loop_
_chem_comp_bond.comp_id 
_chem_comp_bond.atom_id_1 
_chem_comp_bond.atom_id_2 
_chem_comp_bond.value_order 
_chem_comp_bond.pdbx_aromatic_flag 
_chem_comp_bond.pdbx_stereo_config 
_chem_comp_bond.pdbx_ordinal 
DC  OP3   P      sing N N 1  
DC  OP3   HOP3   sing N N 2  
DC  P     OP1    doub N N 3  
DC  P     OP2    sing N N 4  
DC  P     "O5'"  sing N N 5  
DC  OP2   HOP2   sing N N 6  
DC  "O5'" "C5'"  sing N N 7  
DC  "C5'" "C4'"  sing N N 8  
DC  "C5'" "H5'"  sing N N 9  
DC  "C5'" "H5''" sing N N 10 
DC  "C4'" "O4'"  sing N N 11 
DC  "C4'" "C3'"  sing N N 12 
DC  "C4'" "H4'"  sing N N 13 
DC  "O4'" "C1'"  sing N N 14 
DC  "C3'" "O3'"  sing N N 15 
DC  "C3'" "C2'"  sing N N 16 
DC  "C3'" "H3'"  sing N N 17 
DC  "O3'" "HO3'" sing N N 18 
DC  "C2'" "C1'"  sing N N 19 
DC  "C2'" "H2'"  sing N N 20 
DC  "C2'" "H2''" sing N N 21 
DC  "C1'" N1     sing N N 22 
DC  "C1'" "H1'"  sing N N 23 
DC  N1    C2     sing N N 24 
DC  N1    C6     sing N N 25 
DC  C2    O2     doub N N 26 
DC  C2    N3     sing N N 27 
DC  N3    C4     doub N N 28 
DC  C4    N4     sing N N 29 
DC  C4    C5     sing N N 30 
DC  N4    H41    sing N N 31 
DC  N4    H42    sing N N 32 
DC  C5    C6     doub N N 33 
DC  C5    H5     sing N N 34 
DC  C6    H6     sing N N 35 
DG  OP3   P      sing N N 36 
DG  OP3   HOP3   sing N N 37 
DG  P     OP1    doub N N 38 
DG  P     OP2    sing N N 39 
DG  P     "O5'"  sing N N 40 
DG  OP2   HOP2   sing N N 41 
DG  "O5'" "C5'"  sing N N 42 
DG  "C5'" "C4'"  sing N N 43 
DG  "C5'" "H5'"  sing N N 44 
DG  "C5'" "H5''" sing N N 45 
DG  "C4'" "O4'"  sing N N 46 
DG  "C4'" "C3'"  sing N N 47 
DG  "C4'" "H4'"  sing N N 48 
DG  "O4'" "C1'"  sing N N 49 
DG  "C3'" "O3'"  sing N N 50 
DG  "C3'" "C2'"  sing N N 51 
DG  "C3'" "H3'"  sing N N 52 
DG  "O3'" "HO3'" sing N N 53 
DG  "C2'" "C1'"  sing N N 54 
DG  "C2'" "H2'"  sing N N 55 
DG  "C2'" "H2''" sing N N 56 
DG  "C1'" N9     sing N N 57 
DG  "C1'" "H1'"  sing N N 58 
DG  N9    C8     sing Y N 59 
DG  N9    C4     sing Y N 60 
DG  C8    N7     doub Y N 61 
DG  C8    H8     sing N N 62 
DG  N7    C5     sing Y N 63 
DG  C5    C6     sing N N 64 
DG  C5    C4     doub Y N 65 
DG  C6    O6     doub N N 66 
DG  C6    N1     sing N N 67 
DG  N1    C2     sing N N 68 
DG  N1    H1     sing N N 69 
DG  C2    N2     sing N N 70 
DG  C2    N3     doub N N 71 
DG  N2    H21    sing N N 72 
DG  N2    H22    sing N N 73 
DG  N3    C4     sing N N 74 
HOH O     H1     sing N N 75 
HOH O     H2     sing N N 76 
# 
_ndb_struct_conf_na.entry_id   1ZEY 
_ndb_struct_conf_na.feature    'double helix' 
# 
loop_
_ndb_struct_na_base_pair.model_number 
_ndb_struct_na_base_pair.i_label_asym_id 
_ndb_struct_na_base_pair.i_label_comp_id 
_ndb_struct_na_base_pair.i_label_seq_id 
_ndb_struct_na_base_pair.i_symmetry 
_ndb_struct_na_base_pair.j_label_asym_id 
_ndb_struct_na_base_pair.j_label_comp_id 
_ndb_struct_na_base_pair.j_label_seq_id 
_ndb_struct_na_base_pair.j_symmetry 
_ndb_struct_na_base_pair.shear 
_ndb_struct_na_base_pair.stretch 
_ndb_struct_na_base_pair.stagger 
_ndb_struct_na_base_pair.buckle 
_ndb_struct_na_base_pair.propeller 
_ndb_struct_na_base_pair.opening 
_ndb_struct_na_base_pair.pair_number 
_ndb_struct_na_base_pair.pair_name 
_ndb_struct_na_base_pair.i_auth_asym_id 
_ndb_struct_na_base_pair.i_auth_seq_id 
_ndb_struct_na_base_pair.i_PDB_ins_code 
_ndb_struct_na_base_pair.j_auth_asym_id 
_ndb_struct_na_base_pair.j_auth_seq_id 
_ndb_struct_na_base_pair.j_PDB_ins_code 
_ndb_struct_na_base_pair.hbond_type_28 
_ndb_struct_na_base_pair.hbond_type_12 
1 A DC 1  1_555 B DG 10 1_555 0.110  -0.243 -1.098 20.704  3.622  -11.795 1  A_DC1:DG20_B  A 1  ? B 20 ? 19 1 
1 A DC 2  1_555 B DG 9  1_555 -0.621 -0.200 -0.890 26.772  1.612  -9.310  2  A_DC2:DG19_B  A 2  ? B 19 ? 19 1 
1 A DC 3  1_555 B DG 8  1_555 0.227  0.058  -1.091 10.676  -1.271 1.938   3  A_DC3:DG18_B  A 3  ? B 18 ? 19 1 
1 A DC 4  1_555 B DG 7  1_555 0.176  -0.368 -0.382 -4.422  4.384  -2.758  4  A_DC4:DG17_B  A 4  ? B 17 ? 19 1 
1 A DG 5  1_555 B DC 6  1_555 0.126  -0.182 -0.537 -12.264 2.116  -2.256  5  A_DG5:DC16_B  A 5  ? B 16 ? 19 1 
1 A DC 6  1_555 B DG 5  1_555 -1.104 -0.051 -1.419 21.583  -4.129 0.714   6  A_DC6:DG15_B  A 6  ? B 15 ? 19 1 
1 A DG 7  1_555 B DC 4  1_555 0.217  -0.751 -0.651 -0.931  9.960  -12.657 7  A_DG7:DC14_B  A 7  ? B 14 ? ?  1 
1 A DG 8  1_555 B DC 3  1_555 0.249  -0.186 -0.919 -10.854 -2.485 3.186   8  A_DG8:DC13_B  A 8  ? B 13 ? 19 1 
1 A DG 9  1_555 B DC 2  1_555 0.171  -0.535 -1.429 -20.838 5.483  -8.919  9  A_DG9:DC12_B  A 9  ? B 12 ? 19 1 
1 A DG 10 1_555 B DC 1  1_555 0.049  -0.129 -0.658 -10.870 4.213  -8.155  10 A_DG10:DC11_B A 10 ? B 11 ? 19 1 
# 
loop_
_ndb_struct_na_base_pair_step.model_number 
_ndb_struct_na_base_pair_step.i_label_asym_id_1 
_ndb_struct_na_base_pair_step.i_label_comp_id_1 
_ndb_struct_na_base_pair_step.i_label_seq_id_1 
_ndb_struct_na_base_pair_step.i_symmetry_1 
_ndb_struct_na_base_pair_step.j_label_asym_id_1 
_ndb_struct_na_base_pair_step.j_label_comp_id_1 
_ndb_struct_na_base_pair_step.j_label_seq_id_1 
_ndb_struct_na_base_pair_step.j_symmetry_1 
_ndb_struct_na_base_pair_step.i_label_asym_id_2 
_ndb_struct_na_base_pair_step.i_label_comp_id_2 
_ndb_struct_na_base_pair_step.i_label_seq_id_2 
_ndb_struct_na_base_pair_step.i_symmetry_2 
_ndb_struct_na_base_pair_step.j_label_asym_id_2 
_ndb_struct_na_base_pair_step.j_label_comp_id_2 
_ndb_struct_na_base_pair_step.j_label_seq_id_2 
_ndb_struct_na_base_pair_step.j_symmetry_2 
_ndb_struct_na_base_pair_step.shift 
_ndb_struct_na_base_pair_step.slide 
_ndb_struct_na_base_pair_step.rise 
_ndb_struct_na_base_pair_step.tilt 
_ndb_struct_na_base_pair_step.roll 
_ndb_struct_na_base_pair_step.twist 
_ndb_struct_na_base_pair_step.x_displacement 
_ndb_struct_na_base_pair_step.y_displacement 
_ndb_struct_na_base_pair_step.helical_rise 
_ndb_struct_na_base_pair_step.inclination 
_ndb_struct_na_base_pair_step.tip 
_ndb_struct_na_base_pair_step.helical_twist 
_ndb_struct_na_base_pair_step.step_number 
_ndb_struct_na_base_pair_step.step_name 
_ndb_struct_na_base_pair_step.i_auth_asym_id_1 
_ndb_struct_na_base_pair_step.i_auth_seq_id_1 
_ndb_struct_na_base_pair_step.i_PDB_ins_code_1 
_ndb_struct_na_base_pair_step.j_auth_asym_id_1 
_ndb_struct_na_base_pair_step.j_auth_seq_id_1 
_ndb_struct_na_base_pair_step.j_PDB_ins_code_1 
_ndb_struct_na_base_pair_step.i_auth_asym_id_2 
_ndb_struct_na_base_pair_step.i_auth_seq_id_2 
_ndb_struct_na_base_pair_step.i_PDB_ins_code_2 
_ndb_struct_na_base_pair_step.j_auth_asym_id_2 
_ndb_struct_na_base_pair_step.j_auth_seq_id_2 
_ndb_struct_na_base_pair_step.j_PDB_ins_code_2 
1 A DC 1 1_555 B DG 10 1_555 A DC 2  1_555 B DG 9 1_555 0.575  -1.467 3.414 -0.376 7.802  31.629 -3.966 -1.090 2.970 14.048 0.677 
32.555 1 AA_DC1DC2:DG19DG20_BB  A 1 ? B 20 ? A 2  ? B 19 ? 
1 A DC 2 1_555 B DG 9  1_555 A DC 3  1_555 B DG 8 1_555 0.282  -1.484 3.866 -2.850 7.651  36.060 -3.513 -0.882 3.459 12.168 4.533 
36.943 2 AA_DC2DC3:DG18DG19_BB  A 2 ? B 19 ? A 3  ? B 18 ? 
1 A DC 3 1_555 B DG 8  1_555 A DC 4  1_555 B DG 7 1_555 -1.489 -1.374 3.663 -4.281 12.677 27.384 -5.325 1.924  2.948 24.974 8.435 
30.422 3 AA_DC3DC4:DG17DG18_BB  A 3 ? B 18 ? A 4  ? B 17 ? 
1 A DC 4 1_555 B DG 7  1_555 A DG 5  1_555 B DC 6 1_555 1.038  -1.331 3.518 0.692  15.287 27.668 -5.238 -1.782 2.484 29.299 -1.327 
31.545 4 AA_DC4DG5:DC16DG17_BB  A 4 ? B 17 ? A 5  ? B 16 ? 
1 A DG 5 1_555 B DC 6  1_555 A DC 6  1_555 B DG 5 1_555 -0.379 -1.213 2.567 11.358 5.696  29.200 -2.978 2.216  2.018 10.683 
-21.302 31.789 5 AA_DG5DC6:DG15DC16_BB  A 5 ? B 16 ? A 6  ? B 15 ? 
1 A DC 6 1_555 B DG 5  1_555 A DG 7  1_555 B DC 4 1_555 -0.286 -1.188 4.236 -3.413 23.026 32.176 -5.009 -0.059 2.822 36.227 5.370 
39.532 6 AA_DC6DG7:DC14DG15_BB  A 6 ? B 15 ? A 7  ? B 14 ? 
1 A DG 7 1_555 B DC 4  1_555 A DG 8  1_555 B DC 3 1_555 0.905  -1.171 3.624 2.169  13.839 27.399 -5.035 -1.266 2.786 27.087 -4.246 
30.711 7 AA_DG7DG8:DC13DC14_BB  A 7 ? B 14 ? A 8  ? B 13 ? 
1 A DG 8 1_555 B DC 3  1_555 A DG 9  1_555 B DC 2 1_555 -0.370 -1.421 3.950 3.708  9.749  30.103 -4.618 1.445  3.274 18.100 -6.885 
31.819 8 AA_DG8DG9:DC12DC13_BB  A 8 ? B 13 ? A 9  ? B 12 ? 
1 A DG 9 1_555 B DC 2  1_555 A DG 10 1_555 B DC 1 1_555 0.324  -1.562 3.387 -0.523 5.064  27.973 -4.335 -0.778 3.055 10.367 1.070 
28.424 9 AA_DG9DG10:DC11DC12_BB A 9 ? B 12 ? A 10 ? B 11 ? 
# 
loop_
_pdbx_initial_refinement_model.accession_code 
_pdbx_initial_refinement_model.id 
_pdbx_initial_refinement_model.entity_id_list 
_pdbx_initial_refinement_model.type 
_pdbx_initial_refinement_model.source_name 
_pdbx_initial_refinement_model.details 
1ZEX 1 ? 'experimental model' PDB 'ndb entries ADJ049 and AD0046' 
160D 2 ? 'experimental model' PDB 'ndb entries ADJ049 and AD0046' 
# 
_atom_sites.entry_id                    1ZEY 
_atom_sites.fract_transf_matrix[1][1]   -0.01842227 
_atom_sites.fract_transf_matrix[1][2]   0.01335189 
_atom_sites.fract_transf_matrix[1][3]   0.03390333 
_atom_sites.fract_transf_matrix[2][1]   0.01701841 
_atom_sites.fract_transf_matrix[2][2]   -0.00808001 
_atom_sites.fract_transf_matrix[2][3]   0.01242949 
_atom_sites.fract_transf_matrix[3][1]   0.01000531 
_atom_sites.fract_transf_matrix[3][2]   0.01833133 
_atom_sites.fract_transf_matrix[3][3]   -0.00178264 
_atom_sites.fract_transf_vector[1]      0.631148 
_atom_sites.fract_transf_vector[2]      0.020533 
_atom_sites.fract_transf_vector[3]      0.780472 
# 
loop_
_atom_type.symbol 
C  
N  
NA 
O  
P  
# 
loop_
_atom_site.group_PDB 
_atom_site.id 
_atom_site.type_symbol 
_atom_site.label_atom_id 
_atom_site.label_alt_id 
_atom_site.label_comp_id 
_atom_site.label_asym_id 
_atom_site.label_entity_id 
_atom_site.label_seq_id 
_atom_site.pdbx_PDB_ins_code 
_atom_site.Cartn_x 
_atom_site.Cartn_y 
_atom_site.Cartn_z 
_atom_site.occupancy 
_atom_site.B_iso_or_equiv 
_atom_site.pdbx_formal_charge 
_atom_site.auth_seq_id 
_atom_site.auth_comp_id 
_atom_site.auth_asym_id 
_atom_site.auth_atom_id 
_atom_site.pdbx_PDB_model_num 
ATOM   1   O  "O5'" . DC  A 1 1  ? -3.201  -7.927  11.348  1.00 3.16  ? 1   DC  A "O5'" 1 
ATOM   2   C  "C5'" . DC  A 1 1  ? -3.805  -9.253  11.198  1.00 4.17  ? 1   DC  A "C5'" 1 
ATOM   3   C  "C4'" . DC  A 1 1  ? -3.975  -9.670  9.733   1.00 4.37  ? 1   DC  A "C4'" 1 
ATOM   4   O  "O4'" . DC  A 1 1  ? -5.348  -9.393  9.345   1.00 3.39  ? 1   DC  A "O4'" 1 
ATOM   5   C  "C3'" . DC  A 1 1  ? -3.072  -8.975  8.682   1.00 2.00  ? 1   DC  A "C3'" 1 
ATOM   6   O  "O3'" . DC  A 1 1  ? -2.703  -9.780  7.551   1.00 2.00  ? 1   DC  A "O3'" 1 
ATOM   7   C  "C2'" . DC  A 1 1  ? -3.967  -7.837  8.227   1.00 2.92  ? 1   DC  A "C2'" 1 
ATOM   8   C  "C1'" . DC  A 1 1  ? -5.338  -8.506  8.232   1.00 5.61  ? 1   DC  A "C1'" 1 
ATOM   9   N  N1    . DC  A 1 1  ? -6.410  -7.441  8.169   1.00 6.05  ? 1   DC  A N1    1 
ATOM   10  C  C2    . DC  A 1 1  ? -7.626  -7.604  7.461   1.00 7.88  ? 1   DC  A C2    1 
ATOM   11  O  O2    . DC  A 1 1  ? -7.937  -8.658  6.904   1.00 7.91  ? 1   DC  A O2    1 
ATOM   12  N  N3    . DC  A 1 1  ? -8.504  -6.572  7.408   1.00 9.67  ? 1   DC  A N3    1 
ATOM   13  C  C4    . DC  A 1 1  ? -8.229  -5.409  7.999   1.00 8.13  ? 1   DC  A C4    1 
ATOM   14  N  N4    . DC  A 1 1  ? -9.151  -4.445  7.911   1.00 6.76  ? 1   DC  A N4    1 
ATOM   15  C  C5    . DC  A 1 1  ? -7.011  -5.213  8.695   1.00 8.14  ? 1   DC  A C5    1 
ATOM   16  C  C6    . DC  A 1 1  ? -6.136  -6.227  8.741   1.00 7.42  ? 1   DC  A C6    1 
ATOM   17  P  P     . DC  A 1 2  ? -2.002  -9.174  6.233   1.00 2.00  ? 2   DC  A P     1 
ATOM   18  O  OP1   . DC  A 1 2  ? -1.014  -10.119 5.643   1.00 2.00  ? 2   DC  A OP1   1 
ATOM   19  O  OP2   . DC  A 1 2  ? -1.632  -7.773  6.519   1.00 2.00  ? 2   DC  A OP2   1 
ATOM   20  O  "O5'" . DC  A 1 2  ? -3.165  -9.201  5.160   1.00 2.19  ? 2   DC  A "O5'" 1 
ATOM   21  C  "C5'" . DC  A 1 2  ? -3.885  -10.401 4.939   1.00 2.00  ? 2   DC  A "C5'" 1 
ATOM   22  C  "C4'" . DC  A 1 2  ? -4.331  -10.361 3.494   1.00 2.00  ? 2   DC  A "C4'" 1 
ATOM   23  O  "O4'" . DC  A 1 2  ? -5.582  -9.642  3.451   1.00 2.00  ? 2   DC  A "O4'" 1 
ATOM   24  C  "C3'" . DC  A 1 2  ? -3.393  -9.614  2.562   1.00 2.17  ? 2   DC  A "C3'" 1 
ATOM   25  O  "O3'" . DC  A 1 2  ? -3.387  -10.192 1.238   1.00 2.15  ? 2   DC  A "O3'" 1 
ATOM   26  C  "C2'" . DC  A 1 2  ? -3.957  -8.202  2.572   1.00 2.94  ? 2   DC  A "C2'" 1 
ATOM   27  C  "C1'" . DC  A 1 2  ? -5.445  -8.455  2.688   1.00 2.87  ? 2   DC  A "C1'" 1 
ATOM   28  N  N1    . DC  A 1 2  ? -6.037  -7.239  3.295   1.00 2.00  ? 2   DC  A N1    1 
ATOM   29  C  C2    . DC  A 1 2  ? -7.291  -6.754  2.888   1.00 2.00  ? 2   DC  A C2    1 
ATOM   30  O  O2    . DC  A 1 2  ? -7.963  -7.341  2.046   1.00 2.00  ? 2   DC  A O2    1 
ATOM   31  N  N3    . DC  A 1 2  ? -7.740  -5.613  3.451   1.00 2.00  ? 2   DC  A N3    1 
ATOM   32  C  C4    . DC  A 1 2  ? -6.989  -4.968  4.359   1.00 2.00  ? 2   DC  A C4    1 
ATOM   33  N  N4    . DC  A 1 2  ? -7.482  -3.845  4.878   1.00 2.42  ? 2   DC  A N4    1 
ATOM   34  C  C5    . DC  A 1 2  ? -5.702  -5.432  4.763   1.00 2.00  ? 2   DC  A C5    1 
ATOM   35  C  C6    . DC  A 1 2  ? -5.279  -6.572  4.219   1.00 3.38  ? 2   DC  A C6    1 
ATOM   36  P  P     . DC  A 1 3  ? -2.968  -9.338  -0.027  1.00 3.52  ? 3   DC  A P     1 
ATOM   37  O  OP1   . DC  A 1 3  ? -2.263  -10.221 -0.978  1.00 2.00  ? 3   DC  A OP1   1 
ATOM   38  O  OP2   . DC  A 1 3  ? -2.317  -8.102  0.389   1.00 2.00  ? 3   DC  A OP2   1 
ATOM   39  O  "O5'" . DC  A 1 3  ? -4.305  -8.789  -0.745  1.00 3.09  ? 3   DC  A "O5'" 1 
ATOM   40  C  "C5'" . DC  A 1 3  ? -5.356  -9.493  -1.365  1.00 4.44  ? 3   DC  A "C5'" 1 
ATOM   41  C  "C4'" . DC  A 1 3  ? -6.195  -8.558  -2.232  1.00 6.11  ? 3   DC  A "C4'" 1 
ATOM   42  O  "O4'" . DC  A 1 3  ? -6.904  -7.616  -1.381  1.00 4.82  ? 3   DC  A "O4'" 1 
ATOM   43  C  "C3'" . DC  A 1 3  ? -5.434  -7.738  -3.300  1.00 6.10  ? 3   DC  A "C3'" 1 
ATOM   44  O  "O3'" . DC  A 1 3  ? -5.911  -7.807  -4.655  1.00 3.88  ? 3   DC  A "O3'" 1 
ATOM   45  C  "C2'" . DC  A 1 3  ? -5.521  -6.303  -2.806  1.00 4.88  ? 3   DC  A "C2'" 1 
ATOM   46  C  "C1'" . DC  A 1 3  ? -6.720  -6.313  -1.870  1.00 3.05  ? 3   DC  A "C1'" 1 
ATOM   47  N  N1    . DC  A 1 3  ? -6.437  -5.433  -0.744  1.00 3.26  ? 3   DC  A N1    1 
ATOM   48  C  C2    . DC  A 1 3  ? -7.184  -4.247  -0.628  1.00 3.23  ? 3   DC  A C2    1 
ATOM   49  O  O2    . DC  A 1 3  ? -8.064  -3.999  -1.472  1.00 2.00  ? 3   DC  A O2    1 
ATOM   50  N  N3    . DC  A 1 3  ? -6.895  -3.406  0.387   1.00 2.00  ? 3   DC  A N3    1 
ATOM   51  C  C4    . DC  A 1 3  ? -5.923  -3.713  1.264   1.00 2.00  ? 3   DC  A C4    1 
ATOM   52  N  N4    . DC  A 1 3  ? -5.691  -2.867  2.277   1.00 2.00  ? 3   DC  A N4    1 
ATOM   53  C  C5    . DC  A 1 3  ? -5.142  -4.910  1.149   1.00 2.00  ? 3   DC  A C5    1 
ATOM   54  C  C6    . DC  A 1 3  ? -5.422  -5.728  0.127   1.00 2.29  ? 3   DC  A C6    1 
ATOM   55  P  P     . DC  A 1 4  ? -4.963  -7.082  -5.759  1.00 4.92  ? 4   DC  A P     1 
ATOM   56  O  OP1   . DC  A 1 4  ? -4.975  -7.810  -7.039  1.00 4.88  ? 4   DC  A OP1   1 
ATOM   57  O  OP2   . DC  A 1 4  ? -3.665  -6.642  -5.212  1.00 2.00  ? 4   DC  A OP2   1 
ATOM   58  O  "O5'" . DC  A 1 4  ? -5.727  -5.687  -5.904  1.00 2.00  ? 4   DC  A "O5'" 1 
ATOM   59  C  "C5'" . DC  A 1 4  ? -7.040  -5.638  -6.324  1.00 2.00  ? 4   DC  A "C5'" 1 
ATOM   60  C  "C4'" . DC  A 1 4  ? -7.203  -4.262  -6.924  1.00 3.23  ? 4   DC  A "C4'" 1 
ATOM   61  O  "O4'" . DC  A 1 4  ? -7.534  -3.390  -5.829  1.00 2.33  ? 4   DC  A "O4'" 1 
ATOM   62  C  "C3'" . DC  A 1 4  ? -5.903  -3.765  -7.550  1.00 4.58  ? 4   DC  A "C3'" 1 
ATOM   63  O  "O3'" . DC  A 1 4  ? -5.944  -3.584  -8.962  1.00 4.51  ? 4   DC  A "O3'" 1 
ATOM   64  C  "C2'" . DC  A 1 4  ? -5.549  -2.479  -6.826  1.00 5.30  ? 4   DC  A "C2'" 1 
ATOM   65  C  "C1'" . DC  A 1 4  ? -6.764  -2.219  -5.958  1.00 4.81  ? 4   DC  A "C1'" 1 
ATOM   66  N  N1    . DC  A 1 4  ? -6.250  -1.862  -4.646  1.00 4.23  ? 4   DC  A N1    1 
ATOM   67  C  C2    . DC  A 1 4  ? -6.423  -0.535  -4.229  1.00 2.51  ? 4   DC  A C2    1 
ATOM   68  O  O2    . DC  A 1 4  ? -7.035  0.272   -4.984  1.00 2.00  ? 4   DC  A O2    1 
ATOM   69  N  N3    . DC  A 1 4  ? -5.934  -0.221  -2.994  1.00 2.00  ? 4   DC  A N3    1 
ATOM   70  C  C4    . DC  A 1 4  ? -5.303  -1.163  -2.256  1.00 2.00  ? 4   DC  A C4    1 
ATOM   71  N  N4    . DC  A 1 4  ? -4.810  -0.834  -1.065  1.00 3.55  ? 4   DC  A N4    1 
ATOM   72  C  C5    . DC  A 1 4  ? -5.115  -2.506  -2.700  1.00 2.93  ? 4   DC  A C5    1 
ATOM   73  C  C6    . DC  A 1 4  ? -5.603  -2.820  -3.896  1.00 2.00  ? 4   DC  A C6    1 
ATOM   74  P  P     . DG  A 1 5  ? -4.537  -3.343  -9.701  1.00 4.96  ? 5   DG  A P     1 
ATOM   75  O  OP1   . DG  A 1 5  ? -4.694  -3.805  -11.103 1.00 8.09  ? 5   DG  A OP1   1 
ATOM   76  O  OP2   . DG  A 1 5  ? -3.470  -3.969  -8.882  1.00 5.30  ? 5   DG  A OP2   1 
ATOM   77  O  "O5'" . DG  A 1 5  ? -4.387  -1.757  -9.669  1.00 3.08  ? 5   DG  A "O5'" 1 
ATOM   78  C  "C5'" . DG  A 1 5  ? -3.258  -1.035  -9.192  1.00 2.00  ? 5   DG  A "C5'" 1 
ATOM   79  C  "C4'" . DG  A 1 5  ? -3.631  0.427   -8.973  1.00 2.00  ? 5   DG  A "C4'" 1 
ATOM   80  O  "O4'" . DG  A 1 5  ? -4.515  0.521   -7.800  1.00 2.00  ? 5   DG  A "O4'" 1 
ATOM   81  C  "C3'" . DG  A 1 5  ? -2.389  1.232   -8.642  1.00 2.68  ? 5   DG  A "C3'" 1 
ATOM   82  O  "O3'" . DG  A 1 5  ? -1.836  1.847   -9.819  1.00 7.62  ? 5   DG  A "O3'" 1 
ATOM   83  C  "C2'" . DG  A 1 5  ? -2.869  2.238   -7.609  1.00 4.39  ? 5   DG  A "C2'" 1 
ATOM   84  C  "C1'" . DG  A 1 5  ? -3.997  1.498   -6.884  1.00 2.00  ? 5   DG  A "C1'" 1 
ATOM   85  N  N9    . DG  A 1 5  ? -3.534  1.030   -5.553  1.00 2.00  ? 5   DG  A N9    1 
ATOM   86  C  C8    . DG  A 1 5  ? -3.280  -0.246  -5.103  1.00 2.00  ? 5   DG  A C8    1 
ATOM   87  N  N7    . DG  A 1 5  ? -2.862  -0.326  -3.867  1.00 2.00  ? 5   DG  A N7    1 
ATOM   88  C  C5    . DG  A 1 5  ? -2.820  1.010   -3.458  1.00 2.00  ? 5   DG  A C5    1 
ATOM   89  C  C6    . DG  A 1 5  ? -2.451  1.586   -2.204  1.00 2.00  ? 5   DG  A C6    1 
ATOM   90  O  O6    . DG  A 1 5  ? -2.041  1.007   -1.189  1.00 2.00  ? 5   DG  A O6    1 
ATOM   91  N  N1    . DG  A 1 5  ? -2.560  2.981   -2.185  1.00 2.00  ? 5   DG  A N1    1 
ATOM   92  C  C2    . DG  A 1 5  ? -2.967  3.712   -3.268  1.00 2.00  ? 5   DG  A C2    1 
ATOM   93  N  N2    . DG  A 1 5  ? -2.990  5.037   -3.090  1.00 2.00  ? 5   DG  A N2    1 
ATOM   94  N  N3    . DG  A 1 5  ? -3.324  3.196   -4.445  1.00 2.00  ? 5   DG  A N3    1 
ATOM   95  C  C4    . DG  A 1 5  ? -3.228  1.847   -4.486  1.00 2.00  ? 5   DG  A C4    1 
ATOM   96  P  P     . DC  A 1 6  ? -0.432  2.632   -9.794  1.00 6.51  ? 6   DC  A P     1 
ATOM   97  O  OP1   . DC  A 1 6  ? -0.240  3.222   -11.142 1.00 8.63  ? 6   DC  A OP1   1 
ATOM   98  O  OP2   . DC  A 1 6  ? 0.611   1.756   -9.251  1.00 7.98  ? 6   DC  A OP2   1 
ATOM   99  O  "O5'" . DC  A 1 6  ? -0.668  3.891   -8.826  1.00 7.19  ? 6   DC  A "O5'" 1 
ATOM   100 C  "C5'" . DC  A 1 6  ? -1.140  5.152   -9.341  1.00 7.61  ? 6   DC  A "C5'" 1 
ATOM   101 C  "C4'" . DC  A 1 6  ? -0.487  6.348   -8.663  1.00 7.43  ? 6   DC  A "C4'" 1 
ATOM   102 O  "O4'" . DC  A 1 6  ? -0.841  6.411   -7.251  1.00 7.78  ? 6   DC  A "O4'" 1 
ATOM   103 C  "C3'" . DC  A 1 6  ? 1.033   6.271   -8.730  1.00 8.45  ? 6   DC  A "C3'" 1 
ATOM   104 O  "O3'" . DC  A 1 6  ? 1.728   7.440   -9.089  1.00 9.10  ? 6   DC  A "O3'" 1 
ATOM   105 C  "C2'" . DC  A 1 6  ? 1.444   5.960   -7.313  1.00 5.70  ? 6   DC  A "C2'" 1 
ATOM   106 C  "C1'" . DC  A 1 6  ? 0.321   6.461   -6.437  1.00 5.20  ? 6   DC  A "C1'" 1 
ATOM   107 N  N1    . DC  A 1 6  ? 0.314   5.440   -5.413  1.00 3.57  ? 6   DC  A N1    1 
ATOM   108 C  C2    . DC  A 1 6  ? 0.051   5.723   -4.059  1.00 4.39  ? 6   DC  A C2    1 
ATOM   109 O  O2    . DC  A 1 6  ? -0.219  6.884   -3.702  1.00 4.27  ? 6   DC  A O2    1 
ATOM   110 N  N3    . DC  A 1 6  ? 0.078   4.683   -3.189  1.00 3.09  ? 6   DC  A N3    1 
ATOM   111 C  C4    . DC  A 1 6  ? 0.393   3.452   -3.601  1.00 4.63  ? 6   DC  A C4    1 
ATOM   112 N  N4    . DC  A 1 6  ? 0.432   2.455   -2.716  1.00 3.46  ? 6   DC  A N4    1 
ATOM   113 C  C5    . DC  A 1 6  ? 0.657   3.145   -4.966  1.00 2.36  ? 6   DC  A C5    1 
ATOM   114 C  C6    . DC  A 1 6  ? 0.618   4.168   -5.811  1.00 3.88  ? 6   DC  A C6    1 
ATOM   115 P  P     . DG  A 1 7  ? 3.309   7.291   -8.921  1.00 11.38 ? 7   DG  A P     1 
ATOM   116 O  OP1   . DG  A 1 7  ? 3.999   8.383   -9.648  1.00 11.75 ? 7   DG  A OP1   1 
ATOM   117 O  OP2   . DG  A 1 7  ? 3.571   5.852   -9.209  1.00 9.56  ? 7   DG  A OP2   1 
ATOM   118 O  "O5'" . DG  A 1 7  ? 3.557   7.539   -7.358  1.00 10.48 ? 7   DG  A "O5'" 1 
ATOM   119 C  "C5'" . DG  A 1 7  ? 3.556   8.890   -6.841  1.00 6.83  ? 7   DG  A "C5'" 1 
ATOM   120 C  "C4'" . DG  A 1 7  ? 4.609   9.001   -5.756  1.00 6.72  ? 7   DG  A "C4'" 1 
ATOM   121 O  "O4'" . DG  A 1 7  ? 4.056   8.372   -4.567  1.00 6.81  ? 7   DG  A "O4'" 1 
ATOM   122 C  "C3'" . DG  A 1 7  ? 5.880   8.229   -6.112  1.00 5.43  ? 7   DG  A "C3'" 1 
ATOM   123 O  "O3'" . DG  A 1 7  ? 7.070   8.981   -6.402  1.00 5.14  ? 7   DG  A "O3'" 1 
ATOM   124 C  "C2'" . DG  A 1 7  ? 6.172   7.353   -4.911  1.00 6.93  ? 7   DG  A "C2'" 1 
ATOM   125 C  "C1'" . DG  A 1 7  ? 5.065   7.641   -3.925  1.00 5.22  ? 7   DG  A "C1'" 1 
ATOM   126 N  N9    . DG  A 1 7  ? 4.640   6.322   -3.508  1.00 7.11  ? 7   DG  A N9    1 
ATOM   127 C  C8    . DG  A 1 7  ? 4.132   5.308   -4.300  1.00 4.01  ? 7   DG  A C8    1 
ATOM   128 N  N7    . DG  A 1 7  ? 3.895   4.216   -3.643  1.00 3.98  ? 7   DG  A N7    1 
ATOM   129 C  C5    . DG  A 1 7  ? 4.277   4.530   -2.333  1.00 5.53  ? 7   DG  A C5    1 
ATOM   130 C  C6    . DG  A 1 7  ? 4.248   3.741   -1.167  1.00 5.68  ? 7   DG  A C6    1 
ATOM   131 O  O6    . DG  A 1 7  ? 3.871   2.568   -1.079  1.00 4.59  ? 7   DG  A O6    1 
ATOM   132 N  N1    . DG  A 1 7  ? 4.732   4.424   -0.046  1.00 4.76  ? 7   DG  A N1    1 
ATOM   133 C  C2    . DG  A 1 7  ? 5.173   5.723   -0.051  1.00 5.16  ? 7   DG  A C2    1 
ATOM   134 N  N2    . DG  A 1 7  ? 5.606   6.234   1.100   1.00 3.93  ? 7   DG  A N2    1 
ATOM   135 N  N3    . DG  A 1 7  ? 5.217   6.468   -1.144  1.00 7.18  ? 7   DG  A N3    1 
ATOM   136 C  C4    . DG  A 1 7  ? 4.756   5.809   -2.236  1.00 4.99  ? 7   DG  A C4    1 
ATOM   137 P  P     . DG  A 1 8  ? 8.371   8.101   -6.810  1.00 5.64  ? 8   DG  A P     1 
ATOM   138 O  OP1   . DG  A 1 8  ? 9.301   8.910   -7.622  1.00 6.17  ? 8   DG  A OP1   1 
ATOM   139 O  OP2   . DG  A 1 8  ? 7.863   6.856   -7.438  1.00 4.29  ? 8   DG  A OP2   1 
ATOM   140 O  "O5'" . DG  A 1 8  ? 9.039   7.748   -5.357  1.00 2.58  ? 8   DG  A "O5'" 1 
ATOM   141 C  "C5'" . DG  A 1 8  ? 9.715   8.714   -4.568  1.00 3.46  ? 8   DG  A "C5'" 1 
ATOM   142 C  "C4'" . DG  A 1 8  ? 10.005  8.278   -3.125  1.00 2.00  ? 8   DG  A "C4'" 1 
ATOM   143 O  "O4'" . DG  A 1 8  ? 8.817   7.831   -2.426  1.00 2.00  ? 8   DG  A "O4'" 1 
ATOM   144 C  "C3'" . DG  A 1 8  ? 10.939  7.105   -3.027  1.00 2.00  ? 8   DG  A "C3'" 1 
ATOM   145 O  "O3'" . DG  A 1 8  ? 12.267  7.586   -3.137  1.00 2.00  ? 8   DG  A "O3'" 1 
ATOM   146 C  "C2'" . DG  A 1 8  ? 10.595  6.507   -1.659  1.00 2.00  ? 8   DG  A "C2'" 1 
ATOM   147 C  "C1'" . DG  A 1 8  ? 9.095   6.732   -1.563  1.00 2.25  ? 8   DG  A "C1'" 1 
ATOM   148 N  N9    . DG  A 1 8  ? 8.416   5.492   -1.943  1.00 2.00  ? 8   DG  A N9    1 
ATOM   149 C  C8    . DG  A 1 8  ? 7.876   5.176   -3.173  1.00 2.00  ? 8   DG  A C8    1 
ATOM   150 N  N7    . DG  A 1 8  ? 7.333   3.988   -3.249  1.00 2.00  ? 8   DG  A N7    1 
ATOM   151 C  C5    . DG  A 1 8  ? 7.582   3.461   -2.005  1.00 2.00  ? 8   DG  A C5    1 
ATOM   152 C  C6    . DG  A 1 8  ? 7.243   2.200   -1.496  1.00 2.00  ? 8   DG  A C6    1 
ATOM   153 O  O6    . DG  A 1 8  ? 6.680   1.274   -2.068  1.00 2.00  ? 8   DG  A O6    1 
ATOM   154 N  N1    . DG  A 1 8  ? 7.641   2.043   -0.175  1.00 3.21  ? 8   DG  A N1    1 
ATOM   155 C  C2    . DG  A 1 8  ? 8.296   2.997   0.572   1.00 2.10  ? 8   DG  A C2    1 
ATOM   156 N  N2    . DG  A 1 8  ? 8.607   2.671   1.821   1.00 2.78  ? 8   DG  A N2    1 
ATOM   157 N  N3    . DG  A 1 8  ? 8.619   4.197   0.117   1.00 2.03  ? 8   DG  A N3    1 
ATOM   158 C  C4    . DG  A 1 8  ? 8.243   4.368   -1.181  1.00 2.00  ? 8   DG  A C4    1 
ATOM   159 P  P     . DG  A 1 9  ? 13.396  6.487   -3.396  1.00 3.27  ? 9   DG  A P     1 
ATOM   160 O  OP1   . DG  A 1 9  ? 14.694  7.188   -3.559  1.00 2.00  ? 9   DG  A OP1   1 
ATOM   161 O  OP2   . DG  A 1 9  ? 12.866  5.560   -4.437  1.00 2.00  ? 9   DG  A OP2   1 
ATOM   162 O  "O5'" . DG  A 1 9  ? 13.271  5.689   -2.011  1.00 2.00  ? 9   DG  A "O5'" 1 
ATOM   163 C  "C5'" . DG  A 1 9  ? 13.849  6.251   -0.819  1.00 2.00  ? 9   DG  A "C5'" 1 
ATOM   164 C  "C4'" . DG  A 1 9  ? 14.060  5.115   0.127   1.00 2.00  ? 9   DG  A "C4'" 1 
ATOM   165 O  "O4'" . DG  A 1 9  ? 12.729  4.602   0.286   1.00 2.00  ? 9   DG  A "O4'" 1 
ATOM   166 C  "C3'" . DG  A 1 9  ? 14.823  3.912   -0.435  1.00 2.00  ? 9   DG  A "C3'" 1 
ATOM   167 O  "O3'" . DG  A 1 9  ? 16.208  3.918   -0.226  1.00 2.00  ? 9   DG  A "O3'" 1 
ATOM   168 C  "C2'" . DG  A 1 9  ? 14.244  2.785   0.387   1.00 2.00  ? 9   DG  A "C2'" 1 
ATOM   169 C  "C1'" . DG  A 1 9  ? 12.812  3.213   0.552   1.00 2.00  ? 9   DG  A "C1'" 1 
ATOM   170 N  N9    . DG  A 1 9  ? 11.971  2.453   -0.325  1.00 2.00  ? 9   DG  A N9    1 
ATOM   171 C  C8    . DG  A 1 9  ? 11.458  2.847   -1.538  1.00 2.00  ? 9   DG  A C8    1 
ATOM   172 N  N7    . DG  A 1 9  ? 10.714  1.936   -2.089  1.00 2.00  ? 9   DG  A N7    1 
ATOM   173 C  C5    . DG  A 1 9  ? 10.747  0.868   -1.183  1.00 2.01  ? 9   DG  A C5    1 
ATOM   174 C  C6    . DG  A 1 9  ? 10.135  -0.429  -1.198  1.00 2.00  ? 9   DG  A C6    1 
ATOM   175 O  O6    . DG  A 1 9  ? 9.411   -0.935  -2.064  1.00 2.00  ? 9   DG  A O6    1 
ATOM   176 N  N1    . DG  A 1 9  ? 10.449  -1.177  -0.053  1.00 2.00  ? 9   DG  A N1    1 
ATOM   177 C  C2    . DG  A 1 9  ? 11.238  -0.750  0.981   1.00 2.00  ? 9   DG  A C2    1 
ATOM   178 N  N2    . DG  A 1 9  ? 11.420  -1.581  2.010   1.00 2.00  ? 9   DG  A N2    1 
ATOM   179 N  N3    . DG  A 1 9  ? 11.791  0.429   1.032   1.00 2.00  ? 9   DG  A N3    1 
ATOM   180 C  C4    . DG  A 1 9  ? 11.509  1.184   -0.072  1.00 2.00  ? 9   DG  A C4    1 
ATOM   181 P  P     . DG  A 1 10 ? 17.060  2.748   -0.989  1.00 2.00  ? 10  DG  A P     1 
ATOM   182 O  OP1   . DG  A 1 10 ? 18.490  3.123   -0.989  1.00 2.00  ? 10  DG  A OP1   1 
ATOM   183 O  OP2   . DG  A 1 10 ? 16.362  2.466   -2.277  1.00 4.36  ? 10  DG  A OP2   1 
ATOM   184 O  "O5'" . DG  A 1 10 ? 17.007  1.410   -0.108  1.00 2.00  ? 10  DG  A "O5'" 1 
ATOM   185 C  "C5'" . DG  A 1 10 ? 17.179  1.454   1.303   1.00 4.81  ? 10  DG  A "C5'" 1 
ATOM   186 C  "C4'" . DG  A 1 10 ? 16.621  0.200   1.963   1.00 4.19  ? 10  DG  A "C4'" 1 
ATOM   187 O  "O4'" . DG  A 1 10 ? 15.332  -0.218  1.422   1.00 2.00  ? 10  DG  A "O4'" 1 
ATOM   188 C  "C3'" . DG  A 1 10 ? 17.548  -1.007  1.831   1.00 5.40  ? 10  DG  A "C3'" 1 
ATOM   189 O  "O3'" . DG  A 1 10 ? 17.404  -1.842  2.953   1.00 2.00  ? 10  DG  A "O3'" 1 
ATOM   190 C  "C2'" . DG  A 1 10 ? 17.016  -1.742  0.619   1.00 3.07  ? 10  DG  A "C2'" 1 
ATOM   191 C  "C1'" . DG  A 1 10 ? 15.514  -1.512  0.842   1.00 2.00  ? 10  DG  A "C1'" 1 
ATOM   192 N  N9    . DG  A 1 10 ? 14.722  -1.673  -0.356  1.00 2.00  ? 10  DG  A N9    1 
ATOM   193 C  C8    . DG  A 1 10 ? 14.585  -0.762  -1.396  1.00 2.00  ? 10  DG  A C8    1 
ATOM   194 N  N7    . DG  A 1 10 ? 13.772  -1.181  -2.333  1.00 2.00  ? 10  DG  A N7    1 
ATOM   195 C  C5    . DG  A 1 10 ? 13.363  -2.443  -1.884  1.00 2.00  ? 10  DG  A C5    1 
ATOM   196 C  C6    . DG  A 1 10 ? 12.500  -3.391  -2.485  1.00 2.00  ? 10  DG  A C6    1 
ATOM   197 O  O6    . DG  A 1 10 ? 11.921  -3.265  -3.571  1.00 2.00  ? 10  DG  A O6    1 
ATOM   198 N  N1    . DG  A 1 10 ? 12.349  -4.561  -1.728  1.00 2.00  ? 10  DG  A N1    1 
ATOM   199 C  C2    . DG  A 1 10 ? 12.956  -4.785  -0.519  1.00 2.00  ? 10  DG  A C2    1 
ATOM   200 N  N2    . DG  A 1 10 ? 12.702  -5.955  0.099   1.00 2.00  ? 10  DG  A N2    1 
ATOM   201 N  N3    . DG  A 1 10 ? 13.763  -3.910  0.069   1.00 2.00  ? 10  DG  A N3    1 
ATOM   202 C  C4    . DG  A 1 10 ? 13.940  -2.769  -0.670  1.00 2.00  ? 10  DG  A C4    1 
ATOM   203 O  "O5'" . DC  B 1 1  ? 7.127   -13.929 -3.529  1.00 2.00  ? 11  DC  B "O5'" 1 
ATOM   204 C  "C5'" . DC  B 1 1  ? 7.394   -12.522 -3.648  1.00 2.00  ? 11  DC  B "C5'" 1 
ATOM   205 C  "C4'" . DC  B 1 1  ? 7.757   -11.827 -2.342  1.00 2.32  ? 11  DC  B "C4'" 1 
ATOM   206 O  "O4'" . DC  B 1 1  ? 8.878   -10.958 -2.673  1.00 2.00  ? 11  DC  B "O4'" 1 
ATOM   207 C  "C3'" . DC  B 1 1  ? 6.668   -10.944 -1.702  1.00 4.39  ? 11  DC  B "C3'" 1 
ATOM   208 O  "O3'" . DC  B 1 1  ? 6.404   -11.111 -0.286  1.00 6.34  ? 11  DC  B "O3'" 1 
ATOM   209 C  "C2'" . DC  B 1 1  ? 7.182   -9.532  -1.884  1.00 2.31  ? 11  DC  B "C2'" 1 
ATOM   210 C  "C1'" . DC  B 1 1  ? 8.684   -9.711  -2.004  1.00 3.24  ? 11  DC  B "C1'" 1 
ATOM   211 N  N1    . DC  B 1 1  ? 9.228   -8.543  -2.764  1.00 2.00  ? 11  DC  B N1    1 
ATOM   212 C  C2    . DC  B 1 1  ? 10.264  -7.747  -2.232  1.00 2.00  ? 11  DC  B C2    1 
ATOM   213 O  O2    . DC  B 1 1  ? 10.787  -8.031  -1.146  1.00 2.34  ? 11  DC  B O2    1 
ATOM   214 N  N3    . DC  B 1 1  ? 10.702  -6.693  -2.964  1.00 2.00  ? 11  DC  B N3    1 
ATOM   215 C  C4    . DC  B 1 1  ? 10.158  -6.406  -4.156  1.00 2.60  ? 11  DC  B C4    1 
ATOM   216 N  N4    . DC  B 1 1  ? 10.650  -5.354  -4.815  1.00 2.03  ? 11  DC  B N4    1 
ATOM   217 C  C5    . DC  B 1 1  ? 9.085   -7.178  -4.702  1.00 2.00  ? 11  DC  B C5    1 
ATOM   218 C  C6    . DC  B 1 1  ? 8.672   -8.221  -3.979  1.00 2.00  ? 11  DC  B C6    1 
ATOM   219 P  P     . DC  B 1 2  ? 5.488   -9.989  0.457   1.00 8.62  ? 12  DC  B P     1 
ATOM   220 O  OP1   . DC  B 1 2  ? 4.749   -10.617 1.558   1.00 9.45  ? 12  DC  B OP1   1 
ATOM   221 O  OP2   . DC  B 1 2  ? 4.671   -9.253  -0.538  1.00 10.16 ? 12  DC  B OP2   1 
ATOM   222 O  "O5'" . DC  B 1 2  ? 6.517   -8.988  1.119   1.00 3.82  ? 12  DC  B "O5'" 1 
ATOM   223 C  "C5'" . DC  B 1 2  ? 7.750   -9.397  1.672   1.00 4.91  ? 12  DC  B "C5'" 1 
ATOM   224 C  "C4'" . DC  B 1 2  ? 8.101   -8.431  2.791   1.00 2.01  ? 12  DC  B "C4'" 1 
ATOM   225 O  "O4'" . DC  B 1 2  ? 9.071   -7.526  2.227   1.00 2.00  ? 12  DC  B "O4'" 1 
ATOM   226 C  "C3'" . DC  B 1 2  ? 6.941   -7.595  3.366   1.00 2.96  ? 12  DC  B "C3'" 1 
ATOM   227 O  "O3'" . DC  B 1 2  ? 7.003   -7.424  4.760   1.00 2.00  ? 12  DC  B "O3'" 1 
ATOM   228 C  "C2'" . DC  B 1 2  ? 7.114   -6.235  2.719   1.00 2.34  ? 12  DC  B "C2'" 1 
ATOM   229 C  "C1'" . DC  B 1 2  ? 8.591   -6.204  2.315   1.00 3.12  ? 12  DC  B "C1'" 1 
ATOM   230 N  N1    . DC  B 1 2  ? 8.765   -5.497  1.009   1.00 2.44  ? 12  DC  B N1    1 
ATOM   231 C  C2    . DC  B 1 2  ? 9.745   -4.489  0.933   1.00 2.00  ? 12  DC  B C2    1 
ATOM   232 O  O2    . DC  B 1 2  ? 10.437  -4.242  1.933   1.00 2.00  ? 12  DC  B O2    1 
ATOM   233 N  N3    . DC  B 1 2  ? 9.905   -3.832  -0.250  1.00 2.00  ? 12  DC  B N3    1 
ATOM   234 C  C4    . DC  B 1 2  ? 9.121   -4.125  -1.293  1.00 2.00  ? 12  DC  B C4    1 
ATOM   235 N  N4    . DC  B 1 2  ? 9.291   -3.458  -2.436  1.00 2.00  ? 12  DC  B N4    1 
ATOM   236 C  C5    . DC  B 1 2  ? 8.124   -5.140  -1.217  1.00 2.00  ? 12  DC  B C5    1 
ATOM   237 C  C6    . DC  B 1 2  ? 7.977   -5.801  -0.068  1.00 2.00  ? 12  DC  B C6    1 
ATOM   238 P  P     . DC  B 1 3  ? 6.078   -6.334  5.501   1.00 2.00  ? 13  DC  B P     1 
ATOM   239 O  OP1   . DC  B 1 3  ? 6.079   -6.705  6.934   1.00 2.00  ? 13  DC  B OP1   1 
ATOM   240 O  OP2   . DC  B 1 3  ? 4.817   -6.208  4.772   1.00 2.15  ? 13  DC  B OP2   1 
ATOM   241 O  "O5'" . DC  B 1 3  ? 6.850   -4.988  5.295   1.00 2.00  ? 13  DC  B "O5'" 1 
ATOM   242 C  "C5'" . DC  B 1 3  ? 8.069   -4.788  6.059   1.00 3.02  ? 13  DC  B "C5'" 1 
ATOM   243 C  "C4'" . DC  B 1 3  ? 8.139   -3.321  6.372   1.00 2.00  ? 13  DC  B "C4'" 1 
ATOM   244 O  "O4'" . DC  B 1 3  ? 8.690   -2.699  5.213   1.00 2.00  ? 13  DC  B "O4'" 1 
ATOM   245 C  "C3'" . DC  B 1 3  ? 6.727   -2.758  6.540   1.00 3.68  ? 13  DC  B "C3'" 1 
ATOM   246 O  "O3'" . DC  B 1 3  ? 6.482   -2.063  7.756   1.00 2.00  ? 13  DC  B "O3'" 1 
ATOM   247 C  "C2'" . DC  B 1 3  ? 6.515   -1.847  5.352   1.00 2.00  ? 13  DC  B "C2'" 1 
ATOM   248 C  "C1'" . DC  B 1 3  ? 7.915   -1.589  4.847   1.00 2.00  ? 13  DC  B "C1'" 1 
ATOM   249 N  N1    . DC  B 1 3  ? 7.652   -1.518  3.415   1.00 2.00  ? 13  DC  B N1    1 
ATOM   250 C  C2    . DC  B 1 3  ? 8.095   -0.427  2.654   1.00 2.22  ? 13  DC  B C2    1 
ATOM   251 O  O2    . DC  B 1 3  ? 8.767   0.451   3.195   1.00 2.00  ? 13  DC  B O2    1 
ATOM   252 N  N3    . DC  B 1 3  ? 7.771   -0.399  1.323   1.00 2.00  ? 13  DC  B N3    1 
ATOM   253 C  C4    . DC  B 1 3  ? 7.009   -1.374  0.808   1.00 2.00  ? 13  DC  B C4    1 
ATOM   254 N  N4    . DC  B 1 3  ? 6.695   -1.335  -0.485  1.00 2.00  ? 13  DC  B N4    1 
ATOM   255 C  C5    . DC  B 1 3  ? 6.524   -2.466  1.583   1.00 2.00  ? 13  DC  B C5    1 
ATOM   256 C  C6    . DC  B 1 3  ? 6.845   -2.489  2.873   1.00 2.01  ? 13  DC  B C6    1 
ATOM   257 P  P     . DC  B 1 4  ? 5.090   -1.264  7.865   1.00 2.20  ? 14  DC  B P     1 
ATOM   258 O  OP1   . DC  B 1 4  ? 4.784   -1.254  9.327   1.00 5.21  ? 14  DC  B OP1   1 
ATOM   259 O  OP2   . DC  B 1 4  ? 4.024   -1.733  6.927   1.00 2.00  ? 14  DC  B OP2   1 
ATOM   260 O  "O5'" . DC  B 1 4  ? 5.594   0.143   7.404   1.00 2.00  ? 14  DC  B "O5'" 1 
ATOM   261 C  "C5'" . DC  B 1 4  ? 6.142   1.012   8.344   1.00 2.41  ? 14  DC  B "C5'" 1 
ATOM   262 C  "C4'" . DC  B 1 4  ? 5.909   2.357   7.703   1.00 2.82  ? 14  DC  B "C4'" 1 
ATOM   263 O  "O4'" . DC  B 1 4  ? 6.501   2.349   6.392   1.00 2.00  ? 14  DC  B "O4'" 1 
ATOM   264 C  "C3'" . DC  B 1 4  ? 4.429   2.537   7.472   1.00 3.16  ? 14  DC  B "C3'" 1 
ATOM   265 O  "O3'" . DC  B 1 4  ? 3.879   3.349   8.481   1.00 2.00  ? 14  DC  B "O3'" 1 
ATOM   266 C  "C2'" . DC  B 1 4  ? 4.293   3.231   6.140   1.00 2.90  ? 14  DC  B "C2'" 1 
ATOM   267 C  "C1'" . DC  B 1 4  ? 5.664   3.096   5.511   1.00 4.34  ? 14  DC  B "C1'" 1 
ATOM   268 N  N1    . DC  B 1 4  ? 5.440   2.545   4.154   1.00 2.06  ? 14  DC  B N1    1 
ATOM   269 C  C2    . DC  B 1 4  ? 5.475   3.452   3.091   1.00 2.55  ? 14  DC  B C2    1 
ATOM   270 O  O2    . DC  B 1 4  ? 5.733   4.642   3.326   1.00 3.07  ? 14  DC  B O2    1 
ATOM   271 N  N3    . DC  B 1 4  ? 5.253   3.000   1.832   1.00 2.00  ? 14  DC  B N3    1 
ATOM   272 C  C4    . DC  B 1 4  ? 4.995   1.702   1.631   1.00 2.25  ? 14  DC  B C4    1 
ATOM   273 N  N4    . DC  B 1 4  ? 4.792   1.313   0.367   1.00 3.79  ? 14  DC  B N4    1 
ATOM   274 C  C5    . DC  B 1 4  ? 4.936   0.748   2.698   1.00 2.32  ? 14  DC  B C5    1 
ATOM   275 C  C6    . DC  B 1 4  ? 5.154   1.214   3.936   1.00 3.79  ? 14  DC  B C6    1 
ATOM   276 P  P     . DG  B 1 5  ? 2.305   3.545   8.483   1.00 2.00  ? 15  DG  B P     1 
ATOM   277 O  OP1   . DG  B 1 5  ? 1.910   3.993   9.837   1.00 2.76  ? 15  DG  B OP1   1 
ATOM   278 O  OP2   . DG  B 1 5  ? 1.639   2.360   7.910   1.00 2.00  ? 15  DG  B OP2   1 
ATOM   279 O  "O5'" . DG  B 1 5  ? 2.145   4.775   7.445   1.00 2.00  ? 15  DG  B "O5'" 1 
ATOM   280 C  "C5'" . DG  B 1 5  ? 2.883   5.996   7.662   1.00 2.00  ? 15  DG  B "C5'" 1 
ATOM   281 C  "C4'" . DG  B 1 5  ? 2.609   6.952   6.524   1.00 5.58  ? 15  DG  B "C4'" 1 
ATOM   282 O  "O4'" . DG  B 1 5  ? 3.095   6.373   5.291   1.00 5.46  ? 15  DG  B "O4'" 1 
ATOM   283 C  "C3'" . DG  B 1 5  ? 1.119   7.169   6.327   1.00 6.54  ? 15  DG  B "C3'" 1 
ATOM   284 O  "O3'" . DG  B 1 5  ? 0.865   8.545   6.353   1.00 8.42  ? 15  DG  B "O3'" 1 
ATOM   285 C  "C2'" . DG  B 1 5  ? 0.794   6.548   4.977   1.00 5.62  ? 15  DG  B "C2'" 1 
ATOM   286 C  "C1'" . DG  B 1 5  ? 2.133   6.504   4.265   1.00 4.24  ? 15  DG  B "C1'" 1 
ATOM   287 N  N9    . DG  B 1 5  ? 2.093   5.297   3.478   1.00 5.12  ? 15  DG  B N9    1 
ATOM   288 C  C8    . DG  B 1 5  ? 2.264   4.033   3.984   1.00 3.16  ? 15  DG  B C8    1 
ATOM   289 N  N7    . DG  B 1 5  ? 2.164   3.108   3.104   1.00 3.63  ? 15  DG  B N7    1 
ATOM   290 C  C5    . DG  B 1 5  ? 1.876   3.786   1.939   1.00 3.31  ? 15  DG  B C5    1 
ATOM   291 C  C6    . DG  B 1 5  ? 1.638   3.261   0.661   1.00 2.38  ? 15  DG  B C6    1 
ATOM   292 O  O6    . DG  B 1 5  ? 1.653   2.072   0.336   1.00 3.92  ? 15  DG  B O6    1 
ATOM   293 N  N1    . DG  B 1 5  ? 1.358   4.259   -0.269  1.00 2.00  ? 15  DG  B N1    1 
ATOM   294 C  C2    . DG  B 1 5  ? 1.319   5.611   0.024   1.00 3.83  ? 15  DG  B C2    1 
ATOM   295 N  N2    . DG  B 1 5  ? 1.053   6.442   -1.007  1.00 3.98  ? 15  DG  B N2    1 
ATOM   296 N  N3    . DG  B 1 5  ? 1.541   6.117   1.245   1.00 2.00  ? 15  DG  B N3    1 
ATOM   297 C  C4    . DG  B 1 5  ? 1.808   5.147   2.146   1.00 4.65  ? 15  DG  B C4    1 
ATOM   298 P  P     . DC  B 1 6  ? -0.646  8.962   6.572   1.00 10.02 ? 16  DC  B P     1 
ATOM   299 O  OP1   . DC  B 1 6  ? -0.676  10.318  7.144   1.00 9.36  ? 16  DC  B OP1   1 
ATOM   300 O  OP2   . DC  B 1 6  ? -1.356  7.817   7.208   1.00 7.68  ? 16  DC  B OP2   1 
ATOM   301 O  "O5'" . DC  B 1 6  ? -1.221  8.874   5.082   1.00 7.79  ? 16  DC  B "O5'" 1 
ATOM   302 C  "C5'" . DC  B 1 6  ? -0.754  9.679   4.051   1.00 4.03  ? 16  DC  B "C5'" 1 
ATOM   303 C  "C4'" . DC  B 1 6  ? -1.813  9.622   2.979   1.00 2.25  ? 16  DC  B "C4'" 1 
ATOM   304 O  "O4'" . DC  B 1 6  ? -1.360  8.669   1.984   1.00 2.26  ? 16  DC  B "O4'" 1 
ATOM   305 C  "C3'" . DC  B 1 6  ? -3.200  9.178   3.486   1.00 2.28  ? 16  DC  B "C3'" 1 
ATOM   306 O  "O3'" . DC  B 1 6  ? -4.318  9.927   3.020   1.00 2.00  ? 16  DC  B "O3'" 1 
ATOM   307 C  "C2'" . DC  B 1 6  ? -3.292  7.770   2.969   1.00 2.00  ? 16  DC  B "C2'" 1 
ATOM   308 C  "C1'" . DC  B 1 6  ? -2.441  7.810   1.706   1.00 2.29  ? 16  DC  B "C1'" 1 
ATOM   309 N  N1    . DC  B 1 6  ? -2.073  6.394   1.458   1.00 4.33  ? 16  DC  B N1    1 
ATOM   310 C  C2    . DC  B 1 6  ? -2.170  5.797   0.188   1.00 4.64  ? 16  DC  B C2    1 
ATOM   311 O  O2    . DC  B 1 6  ? -2.511  6.460   -0.813  1.00 4.37  ? 16  DC  B O2    1 
ATOM   312 N  N3    . DC  B 1 6  ? -1.866  4.471   0.089   1.00 3.03  ? 16  DC  B N3    1 
ATOM   313 C  C4    . DC  B 1 6  ? -1.514  3.767   1.172   1.00 2.29  ? 16  DC  B C4    1 
ATOM   314 N  N4    . DC  B 1 6  ? -1.205  2.484   1.015   1.00 2.00  ? 16  DC  B N4    1 
ATOM   315 C  C5    . DC  B 1 6  ? -1.429  4.361   2.466   1.00 2.00  ? 16  DC  B C5    1 
ATOM   316 C  C6    . DC  B 1 6  ? -1.735  5.651   2.559   1.00 2.61  ? 16  DC  B C6    1 
ATOM   317 P  P     . DG  B 1 7  ? -5.803  9.346   3.159   1.00 2.00  ? 17  DG  B P     1 
ATOM   318 O  OP1   . DG  B 1 7  ? -6.704  10.437  3.617   1.00 2.00  ? 17  DG  B OP1   1 
ATOM   319 O  OP2   . DG  B 1 7  ? -5.804  8.152   4.044   1.00 2.47  ? 17  DG  B OP2   1 
ATOM   320 O  "O5'" . DG  B 1 7  ? -6.158  8.863   1.658   1.00 2.00  ? 17  DG  B "O5'" 1 
ATOM   321 C  "C5'" . DG  B 1 7  ? -6.219  9.817   0.617   1.00 3.22  ? 17  DG  B "C5'" 1 
ATOM   322 C  "C4'" . DG  B 1 7  ? -7.219  9.389   -0.446  1.00 4.11  ? 17  DG  B "C4'" 1 
ATOM   323 O  "O4'" . DG  B 1 7  ? -6.607  8.315   -1.209  1.00 4.59  ? 17  DG  B "O4'" 1 
ATOM   324 C  "C3'" . DG  B 1 7  ? -8.553  8.878   0.134   1.00 4.45  ? 17  DG  B "C3'" 1 
ATOM   325 O  "O3'" . DG  B 1 7  ? -9.763  9.416   -0.414  1.00 8.17  ? 17  DG  B "O3'" 1 
ATOM   326 C  "C2'" . DG  B 1 7  ? -8.520  7.376   -0.095  1.00 3.35  ? 17  DG  B "C2'" 1 
ATOM   327 C  "C1'" . DG  B 1 7  ? -7.448  7.167   -1.133  1.00 2.53  ? 17  DG  B "C1'" 1 
ATOM   328 N  N9    . DG  B 1 7  ? -6.703  5.974   -0.720  1.00 2.49  ? 17  DG  B N9    1 
ATOM   329 C  C8    . DG  B 1 7  ? -6.015  5.797   0.452   1.00 2.00  ? 17  DG  B C8    1 
ATOM   330 N  N7    . DG  B 1 7  ? -5.465  4.627   0.566   1.00 2.00  ? 17  DG  B N7    1 
ATOM   331 C  C5    . DG  B 1 7  ? -5.811  3.982   -0.615  1.00 2.64  ? 17  DG  B C5    1 
ATOM   332 C  C6    . DG  B 1 7  ? -5.481  2.678   -1.048  1.00 2.00  ? 17  DG  B C6    1 
ATOM   333 O  O6    . DG  B 1 7  ? -4.807  1.823   -0.449  1.00 2.14  ? 17  DG  B O6    1 
ATOM   334 N  N1    . DG  B 1 7  ? -6.023  2.398   -2.290  1.00 2.00  ? 17  DG  B N1    1 
ATOM   335 C  C2    . DG  B 1 7  ? -6.806  3.269   -3.031  1.00 2.00  ? 17  DG  B C2    1 
ATOM   336 N  N2    . DG  B 1 7  ? -7.253  2.816   -4.208  1.00 2.00  ? 17  DG  B N2    1 
ATOM   337 N  N3    . DG  B 1 7  ? -7.118  4.508   -2.642  1.00 2.00  ? 17  DG  B N3    1 
ATOM   338 C  C4    . DG  B 1 7  ? -6.586  4.787   -1.418  1.00 3.10  ? 17  DG  B C4    1 
ATOM   339 P  P     . DG  B 1 8  ? -11.188 8.865   0.109   1.00 9.20  ? 18  DG  B P     1 
ATOM   340 O  OP1   . DG  B 1 8  ? -12.249 9.737   -0.428  1.00 7.50  ? 18  DG  B OP1   1 
ATOM   341 O  OP2   . DG  B 1 8  ? -11.111 8.583   1.575   1.00 8.99  ? 18  DG  B OP2   1 
ATOM   342 O  "O5'" . DG  B 1 8  ? -11.293 7.387   -0.505  1.00 9.44  ? 18  DG  B "O5'" 1 
ATOM   343 C  "C5'" . DG  B 1 8  ? -12.156 6.927   -1.494  1.00 7.85  ? 18  DG  B "C5'" 1 
ATOM   344 C  "C4'" . DG  B 1 8  ? -11.962 5.422   -1.608  1.00 6.06  ? 18  DG  B "C4'" 1 
ATOM   345 O  "O4'" . DG  B 1 8  ? -10.534 5.092   -1.556  1.00 4.51  ? 18  DG  B "O4'" 1 
ATOM   346 C  "C3'" . DG  B 1 8  ? -12.571 4.623   -0.467  1.00 4.04  ? 18  DG  B "C3'" 1 
ATOM   347 O  "O3'" . DG  B 1 8  ? -13.943 4.240   -0.661  1.00 5.12  ? 18  DG  B "O3'" 1 
ATOM   348 C  "C2'" . DG  B 1 8  ? -11.682 3.388   -0.451  1.00 4.74  ? 18  DG  B "C2'" 1 
ATOM   349 C  "C1'" . DG  B 1 8  ? -10.430 3.707   -1.270  1.00 3.64  ? 18  DG  B "C1'" 1 
ATOM   350 N  N9    . DG  B 1 8  ? -9.391  3.195   -0.374  1.00 2.84  ? 18  DG  B N9    1 
ATOM   351 C  C8    . DG  B 1 8  ? -8.816  3.764   0.740   1.00 2.00  ? 18  DG  B C8    1 
ATOM   352 N  N7    . DG  B 1 8  ? -7.964  2.994   1.350   1.00 2.00  ? 18  DG  B N7    1 
ATOM   353 C  C5    . DG  B 1 8  ? -8.032  1.805   0.635   1.00 2.00  ? 18  DG  B C5    1 
ATOM   354 C  C6    . DG  B 1 8  ? -7.360  0.563   0.820   1.00 2.00  ? 18  DG  B C6    1 
ATOM   355 O  O6    . DG  B 1 8  ? -6.540  0.289   1.721   1.00 2.00  ? 18  DG  B O6    1 
ATOM   356 N  N1    . DG  B 1 8  ? -7.736  -0.379  -0.157  1.00 2.00  ? 18  DG  B N1    1 
ATOM   357 C  C2    . DG  B 1 8  ? -8.638  -0.156  -1.173  1.00 2.00  ? 18  DG  B C2    1 
ATOM   358 N  N2    . DG  B 1 8  ? -8.901  -1.145  -2.040  1.00 2.00  ? 18  DG  B N2    1 
ATOM   359 N  N3    . DG  B 1 8  ? -9.256  0.997   -1.348  1.00 2.00  ? 18  DG  B N3    1 
ATOM   360 C  C4    . DG  B 1 8  ? -8.913  1.918   -0.419  1.00 2.00  ? 18  DG  B C4    1 
ATOM   361 P  P     . DG  B 1 9  ? -14.759 3.392   0.463   1.00 2.00  ? 19  DG  B P     1 
ATOM   362 O  OP1   . DG  B 1 9  ? -16.208 3.569   0.351   1.00 2.00  ? 19  DG  B OP1   1 
ATOM   363 O  OP2   . DG  B 1 9  ? -14.127 3.666   1.778   1.00 3.71  ? 19  DG  B OP2   1 
ATOM   364 O  "O5'" . DG  B 1 9  ? -14.387 1.886   0.045   1.00 2.00  ? 19  DG  B "O5'" 1 
ATOM   365 C  "C5'" . DG  B 1 9  ? -14.931 1.334   -1.132  1.00 2.00  ? 19  DG  B "C5'" 1 
ATOM   366 C  "C4'" . DG  B 1 9  ? -14.453 -0.087  -1.325  1.00 2.00  ? 19  DG  B "C4'" 1 
ATOM   367 O  "O4'" . DG  B 1 9  ? -13.023 -0.094  -1.283  1.00 2.00  ? 19  DG  B "O4'" 1 
ATOM   368 C  "C3'" . DG  B 1 9  ? -14.877 -1.081  -0.265  1.00 3.38  ? 19  DG  B "C3'" 1 
ATOM   369 O  "O3'" . DG  B 1 9  ? -15.982 -1.794  -0.706  1.00 4.14  ? 19  DG  B "O3'" 1 
ATOM   370 C  "C2'" . DG  B 1 9  ? -13.748 -2.086  -0.242  1.00 3.80  ? 19  DG  B "C2'" 1 
ATOM   371 C  "C1'" . DG  B 1 9  ? -12.563 -1.292  -0.721  1.00 2.40  ? 19  DG  B "C1'" 1 
ATOM   372 N  N9    . DG  B 1 9  ? -11.709 -1.063  0.433   1.00 2.67  ? 19  DG  B N9    1 
ATOM   373 C  C8    . DG  B 1 9  ? -11.459 0.072   1.140   1.00 2.00  ? 19  DG  B C8    1 
ATOM   374 N  N7    . DG  B 1 9  ? -10.624 -0.101  2.106   1.00 2.00  ? 19  DG  B N7    1 
ATOM   375 C  C5    . DG  B 1 9  ? -10.313 -1.460  2.023   1.00 3.02  ? 19  DG  B C5    1 
ATOM   376 C  C6    . DG  B 1 9  ? -9.453  -2.257  2.806   1.00 2.00  ? 19  DG  B C6    1 
ATOM   377 O  O6    . DG  B 1 9  ? -8.792  -1.854  3.769   1.00 2.00  ? 19  DG  B O6    1 
ATOM   378 N  N1    . DG  B 1 9  ? -9.404  -3.604  2.384   1.00 2.00  ? 19  DG  B N1    1 
ATOM   379 C  C2    . DG  B 1 9  ? -10.107 -4.099  1.309   1.00 2.00  ? 19  DG  B C2    1 
ATOM   380 N  N2    . DG  B 1 9  ? -9.981  -5.396  1.027   1.00 2.60  ? 19  DG  B N2    1 
ATOM   381 N  N3    . DG  B 1 9  ? -10.933 -3.360  0.576   1.00 2.00  ? 19  DG  B N3    1 
ATOM   382 C  C4    . DG  B 1 9  ? -10.970 -2.063  0.991   1.00 2.00  ? 19  DG  B C4    1 
ATOM   383 P  P     . DG  B 1 10 ? -16.732 -2.641  0.407   1.00 2.00  ? 20  DG  B P     1 
ATOM   384 O  OP1   . DG  B 1 10 ? -18.102 -2.851  -0.124  1.00 2.00  ? 20  DG  B OP1   1 
ATOM   385 O  OP2   . DG  B 1 10 ? -16.496 -2.142  1.772   1.00 3.19  ? 20  DG  B OP2   1 
ATOM   386 O  "O5'" . DG  B 1 10 ? -15.927 -4.042  0.421   1.00 4.36  ? 20  DG  B "O5'" 1 
ATOM   387 C  "C5'" . DG  B 1 10 ? -16.038 -5.005  -0.658  1.00 4.08  ? 20  DG  B "C5'" 1 
ATOM   388 C  "C4'" . DG  B 1 10 ? -15.165 -6.246  -0.449  1.00 3.39  ? 20  DG  B "C4'" 1 
ATOM   389 O  "O4'" . DG  B 1 10 ? -13.858 -5.939  0.105   1.00 2.00  ? 20  DG  B "O4'" 1 
ATOM   390 C  "C3'" . DG  B 1 10 ? -15.733 -7.372  0.409   1.00 3.67  ? 20  DG  B "C3'" 1 
ATOM   391 O  "O3'" . DG  B 1 10 ? -15.473 -8.657  -0.190  1.00 5.62  ? 20  DG  B "O3'" 1 
ATOM   392 C  "C2'" . DG  B 1 10 ? -14.993 -7.262  1.741   1.00 2.00  ? 20  DG  B "C2'" 1 
ATOM   393 C  "C1'" . DG  B 1 10 ? -13.646 -6.761  1.254   1.00 2.00  ? 20  DG  B "C1'" 1 
ATOM   394 N  N9    . DG  B 1 10 ? -13.006 -5.923  2.237   1.00 2.00  ? 20  DG  B N9    1 
ATOM   395 C  C8    . DG  B 1 10 ? -13.225 -4.586  2.414   1.00 2.00  ? 20  DG  B C8    1 
ATOM   396 N  N7    . DG  B 1 10 ? -12.506 -4.095  3.367   1.00 2.00  ? 20  DG  B N7    1 
ATOM   397 C  C5    . DG  B 1 10 ? -11.740 -5.164  3.842   1.00 2.00  ? 20  DG  B C5    1 
ATOM   398 C  C6    . DG  B 1 10 ? -10.787 -5.251  4.887   1.00 2.00  ? 20  DG  B C6    1 
ATOM   399 O  O6    . DG  B 1 10 ? -10.395 -4.340  5.609   1.00 2.00  ? 20  DG  B O6    1 
ATOM   400 N  N1    . DG  B 1 10 ? -10.275 -6.538  5.064   1.00 2.00  ? 20  DG  B N1    1 
ATOM   401 C  C2    . DG  B 1 10 ? -10.647 -7.616  4.291   1.00 2.00  ? 20  DG  B C2    1 
ATOM   402 N  N2    . DG  B 1 10 ? -10.058 -8.774  4.556   1.00 2.00  ? 20  DG  B N2    1 
ATOM   403 N  N3    . DG  B 1 10 ? -11.554 -7.566  3.320   1.00 2.00  ? 20  DG  B N3    1 
ATOM   404 C  C4    . DG  B 1 10 ? -12.055 -6.319  3.148   1.00 2.00  ? 20  DG  B C4    1 
HETATM 405 NA NA    . NA  C 2 .  ? 0.005   -12.065 -1.922  1.00 2.41  ? 40  NA  A NA    1 
HETATM 406 NA NA    . NA  D 2 .  ? -14.607 2.329   5.566   1.00 2.00  ? 21  NA  B NA    1 
HETATM 407 O  O     . HOH E 3 .  ? 1.969   -10.899 -4.588  1.00 4.28  ? 22  HOH A O     1 
HETATM 408 O  O     . HOH E 3 .  ? -4.667  4.774   -6.102  1.00 2.00  ? 24  HOH A O     1 
HETATM 409 O  O     . HOH E 3 .  ? 18.645  3.830   -3.620  1.00 8.16  ? 27  HOH A O     1 
HETATM 410 O  O     . HOH E 3 .  ? -0.892  -15.575 -1.562  1.00 2.00  ? 30  HOH A O     1 
HETATM 411 O  O     . HOH E 3 .  ? 13.910  2.577   3.296   1.00 2.34  ? 31  HOH A O     1 
HETATM 412 O  O     . HOH E 3 .  ? -0.380  -7.184  -4.447  1.00 2.88  ? 32  HOH A O     1 
HETATM 413 O  O     . HOH E 3 .  ? 11.230  8.032   -11.289 1.00 2.00  ? 33  HOH A O     1 
HETATM 414 O  O     . HOH E 3 .  ? 5.872   4.952   -7.386  1.00 2.00  ? 34  HOH A O     1 
HETATM 415 O  O     . HOH E 3 .  ? 5.538   3.003   -11.150 1.00 2.00  ? 37  HOH A O     1 
HETATM 416 O  O     . HOH E 3 .  ? 0.326   -5.556  9.383   1.00 2.00  ? 38  HOH A O     1 
HETATM 417 O  O     . HOH E 3 .  ? 7.937   0.351   -4.182  1.00 2.00  ? 39  HOH A O     1 
HETATM 418 O  O     . HOH E 3 .  ? 6.378   3.576   -13.365 1.00 2.00  ? 42  HOH A O     1 
HETATM 419 O  O     . HOH E 3 .  ? 15.337  3.181   -7.339  1.00 2.11  ? 43  HOH A O     1 
HETATM 420 O  O     . HOH E 3 .  ? 8.866   4.464   -7.924  1.00 2.00  ? 45  HOH A O     1 
HETATM 421 O  O     . HOH E 3 .  ? 0.416   -4.853  5.783   1.00 2.00  ? 53  HOH A O     1 
HETATM 422 O  O     . HOH E 3 .  ? 15.702  6.558   -6.166  1.00 6.67  ? 54  HOH A O     1 
HETATM 423 O  O     . HOH E 3 .  ? 9.401   2.031   -4.372  1.00 2.00  ? 56  HOH A O     1 
HETATM 424 O  O     . HOH E 3 .  ? 1.181   10.047  -13.914 1.00 3.91  ? 57  HOH A O     1 
HETATM 425 O  O     . HOH E 3 .  ? 0.573   -2.026  -8.084  1.00 3.34  ? 58  HOH A O     1 
HETATM 426 O  O     . HOH E 3 .  ? 0.058   -0.269  -10.046 1.00 7.43  ? 65  HOH A O     1 
HETATM 427 O  O     . HOH E 3 .  ? 10.777  11.408  -6.703  1.00 2.00  ? 66  HOH A O     1 
HETATM 428 O  O     . HOH E 3 .  ? -6.986  -11.350 7.629   1.00 4.36  ? 68  HOH A O     1 
HETATM 429 O  O     . HOH E 3 .  ? 14.764  -2.238  2.792   1.00 5.56  ? 71  HOH A O     1 
HETATM 430 O  O     . HOH E 3 .  ? -0.850  -5.935  -0.456  1.00 2.50  ? 74  HOH A O     1 
HETATM 431 O  O     . HOH E 3 .  ? -2.541  -3.968  -0.232  1.00 2.61  ? 76  HOH A O     1 
HETATM 432 O  O     . HOH E 3 .  ? 1.169   10.184  -8.143  1.00 2.00  ? 77  HOH A O     1 
HETATM 433 O  O     . HOH E 3 .  ? -3.895  -12.866 7.137   1.00 6.02  ? 78  HOH A O     1 
HETATM 434 O  O     . HOH E 3 .  ? -2.972  -3.938  5.470   1.00 9.86  ? 81  HOH A O     1 
HETATM 435 O  O     . HOH E 3 .  ? 1.517   -5.213  -5.991  1.00 13.00 ? 83  HOH A O     1 
HETATM 436 O  O     . HOH E 3 .  ? 13.851  0.302   3.961   1.00 2.00  ? 86  HOH A O     1 
HETATM 437 O  O     . HOH E 3 .  ? 6.670   2.397   -5.145  1.00 6.08  ? 87  HOH A O     1 
HETATM 438 O  O     . HOH E 3 .  ? -2.187  -5.113  7.399   1.00 6.27  ? 88  HOH A O     1 
HETATM 439 O  O     . HOH E 3 .  ? -0.608  -12.480 10.911  1.00 14.08 ? 91  HOH A O     1 
HETATM 440 O  O     . HOH E 3 .  ? 12.246  10.289  -4.804  1.00 18.60 ? 92  HOH A O     1 
HETATM 441 O  O     . HOH E 3 .  ? -4.026  -5.821  12.131  1.00 15.07 ? 94  HOH A O     1 
HETATM 442 O  O     . HOH E 3 .  ? -0.385  -6.166  -10.787 1.00 11.00 ? 95  HOH A O     1 
HETATM 443 O  O     . HOH E 3 .  ? 2.406   -5.593  -8.750  1.00 11.13 ? 97  HOH A O     1 
HETATM 444 O  O     . HOH E 3 .  ? 5.600   -0.636  -6.783  1.00 26.58 ? 100 HOH A O     1 
HETATM 445 O  O     . HOH E 3 .  ? -0.464  -3.704  -3.766  1.00 9.11  ? 101 HOH A O     1 
HETATM 446 O  O     . HOH E 3 .  ? 1.127   -0.728  -3.812  1.00 18.95 ? 102 HOH A O     1 
HETATM 447 O  O     . HOH E 3 .  ? 1.174   -10.741 8.828   1.00 14.58 ? 106 HOH A O     1 
HETATM 448 O  O     . HOH E 3 .  ? 15.564  4.286   -5.087  1.00 25.00 ? 108 HOH A O     1 
HETATM 449 O  O     . HOH E 3 .  ? 19.782  -0.672  1.001   1.00 29.00 ? 109 HOH A O     1 
HETATM 450 O  O     . HOH E 3 .  ? 10.779  4.459   -3.454  1.00 21.00 ? 110 HOH A O     1 
HETATM 451 O  O     . HOH E 3 .  ? 16.249  6.183   -1.775  1.00 21.00 ? 112 HOH A O     1 
HETATM 452 O  O     . HOH E 3 .  ? 8.127   9.183   -9.827  1.00 26.00 ? 113 HOH A O     1 
HETATM 453 O  O     . HOH E 3 .  ? 6.997   11.769  -9.617  1.00 20.00 ? 114 HOH A O     1 
HETATM 454 O  O     . HOH F 3 .  ? -8.731  2.137   5.431   1.00 2.00  ? 23  HOH B O     1 
HETATM 455 O  O     . HOH F 3 .  ? -9.512  -10.913 2.733   1.00 2.00  ? 25  HOH B O     1 
HETATM 456 O  O     . HOH F 3 .  ? -1.379  10.655  -0.717  1.00 2.08  ? 26  HOH B O     1 
HETATM 457 O  O     . HOH F 3 .  ? -19.059 -0.183  -3.349  1.00 2.00  ? 28  HOH B O     1 
HETATM 458 O  O     . HOH F 3 .  ? -15.599 -0.270  5.370   1.00 3.19  ? 29  HOH B O     1 
HETATM 459 O  O     . HOH F 3 .  ? 6.436   -5.978  10.971  1.00 3.84  ? 35  HOH B O     1 
HETATM 460 O  O     . HOH F 3 .  ? -17.968 -0.474  -5.724  1.00 9.47  ? 36  HOH B O     1 
HETATM 461 O  O     . HOH F 3 .  ? -2.222  0.110   5.173   1.00 2.00  ? 41  HOH B O     1 
HETATM 462 O  O     . HOH F 3 .  ? -2.230  8.507   -2.174  1.00 2.00  ? 44  HOH B O     1 
HETATM 463 O  O     . HOH F 3 .  ? -0.678  8.337   10.619  1.00 2.00  ? 46  HOH B O     1 
HETATM 464 O  O     . HOH F 3 .  ? -1.134  11.862  1.932   1.00 2.00  ? 47  HOH B O     1 
HETATM 465 O  O     . HOH F 3 .  ? -3.486  0.552   7.814   1.00 2.53  ? 48  HOH B O     1 
HETATM 466 O  O     . HOH F 3 .  ? -14.346 8.811   -1.799  1.00 2.00  ? 49  HOH B O     1 
HETATM 467 O  O     . HOH F 3 .  ? -5.776  6.180   -4.221  1.00 2.00  ? 50  HOH B O     1 
HETATM 468 O  O     . HOH F 3 .  ? -6.584  8.464   7.325   1.00 3.51  ? 51  HOH B O     1 
HETATM 469 O  O     . HOH F 3 .  ? 3.181   -1.862  -1.605  1.00 2.00  ? 52  HOH B O     1 
HETATM 470 O  O     . HOH F 3 .  ? -17.928 2.125   0.901   1.00 2.00  ? 55  HOH B O     1 
HETATM 471 O  O     . HOH F 3 .  ? 2.440   -0.787  10.784  1.00 2.00  ? 59  HOH B O     1 
HETATM 472 O  O     . HOH F 3 .  ? 7.870   4.204   7.438   1.00 2.00  ? 60  HOH B O     1 
HETATM 473 O  O     . HOH F 3 .  ? 1.339   0.825   3.074   1.00 10.03 ? 61  HOH B O     1 
HETATM 474 O  O     . HOH F 3 .  ? 2.551   0.452   6.223   1.00 2.05  ? 62  HOH B O     1 
HETATM 475 O  O     . HOH F 3 .  ? -15.272 3.773   4.602   1.00 3.80  ? 63  HOH B O     1 
HETATM 476 O  O     . HOH F 3 .  ? -6.878  3.060   4.012   1.00 2.53  ? 64  HOH B O     1 
HETATM 477 O  O     . HOH F 3 .  ? -14.531 0.727   1.969   1.00 2.95  ? 67  HOH B O     1 
HETATM 478 O  O     . HOH F 3 .  ? -6.212  10.511  -3.134  1.00 5.22  ? 69  HOH B O     1 
HETATM 479 O  O     . HOH F 3 .  ? 5.554   -3.364  -2.566  1.00 2.11  ? 70  HOH B O     1 
HETATM 480 O  O     . HOH F 3 .  ? 4.644   -11.060 -4.768  1.00 4.11  ? 72  HOH B O     1 
HETATM 481 O  O     . HOH F 3 .  ? -14.954 0.670   8.176   1.00 3.77  ? 73  HOH B O     1 
HETATM 482 O  O     . HOH F 3 .  ? 2.448   -1.529  0.893   1.00 7.53  ? 75  HOH B O     1 
HETATM 483 O  O     . HOH F 3 .  ? -8.868  8.946   3.193   1.00 11.28 ? 79  HOH B O     1 
HETATM 484 O  O     . HOH F 3 .  ? -4.375  3.007   7.907   1.00 2.34  ? 80  HOH B O     1 
HETATM 485 O  O     . HOH F 3 .  ? 5.770   6.881   5.600   1.00 4.56  ? 82  HOH B O     1 
HETATM 486 O  O     . HOH F 3 .  ? -8.056  -0.374  7.042   1.00 6.77  ? 84  HOH B O     1 
HETATM 487 O  O     . HOH F 3 .  ? -6.721  12.546  -0.297  1.00 4.25  ? 85  HOH B O     1 
HETATM 488 O  O     . HOH F 3 .  ? 3.944   -14.682 2.298   1.00 5.01  ? 89  HOH B O     1 
HETATM 489 O  O     . HOH F 3 .  ? -17.378 2.122   7.117   1.00 8.96  ? 90  HOH B O     1 
HETATM 490 O  O     . HOH F 3 .  ? -3.938  16.922  3.994   1.00 8.32  ? 93  HOH B O     1 
HETATM 491 O  O     . HOH F 3 .  ? -21.046 -1.053  0.533   1.00 18.19 ? 96  HOH B O     1 
HETATM 492 O  O     . HOH F 3 .  ? -14.153 -1.967  4.109   1.00 11.29 ? 98  HOH B O     1 
HETATM 493 O  O     . HOH F 3 .  ? -20.970 -2.210  -4.522  1.00 12.04 ? 99  HOH B O     1 
HETATM 494 O  O     . HOH F 3 .  ? 5.639   -20.252 -3.574  1.00 17.57 ? 103 HOH B O     1 
HETATM 495 O  O     . HOH F 3 .  ? 5.738   -12.618 2.274   1.00 19.87 ? 104 HOH B O     1 
HETATM 496 O  O     . HOH F 3 .  ? 2.230   -7.298  0.953   1.00 17.59 ? 105 HOH B O     1 
HETATM 497 O  O     . HOH F 3 .  ? -7.682  12.253  2.490   1.00 16.84 ? 107 HOH B O     1 
HETATM 498 O  O     . HOH F 3 .  ? -11.827 6.342   2.571   1.00 26.00 ? 111 HOH B O     1 
HETATM 499 O  O     . HOH F 3 .  ? 3.515   -10.618 7.755   1.00 28.00 ? 115 HOH B O     1 
# 
